data_2CNT
#
_entry.id   2CNT
#
_cell.length_a   126.926
_cell.length_b   126.926
_cell.length_c   113.859
_cell.angle_alpha   90.00
_cell.angle_beta   90.00
_cell.angle_gamma   120.00
#
_symmetry.space_group_name_H-M   'P 3 2 1'
#
loop_
_entity.id
_entity.type
_entity.pdbx_description
1 polymer 'MODIFICATION OF 30S RIBOSOMAL SUBUNIT PROTEIN S18'
2 non-polymer 'COENZYME A'
3 non-polymer GLYCEROL
4 non-polymer 'SULFATE ION'
5 water water
#
_entity_poly.entity_id   1
_entity_poly.type   'polypeptide(L)'
_entity_poly.pdbx_seq_one_letter_code
;MNTISILSTTDLPAAWQIEQRAHAFPWSEKTFFGNQGERYLNLKLTADDRMAAFAITQVVLDEATLFNIAVDPDFQRRGL
GRMLLEHLIDELETRGVVTLWLEVRASNAAAIALYESLGFNEATIRRNYYPTAQGHEDAIIMALPISMKLHHHHHHHHHH
;
_entity_poly.pdbx_strand_id   A,B,C,D
#
loop_
_chem_comp.id
_chem_comp.type
_chem_comp.name
_chem_comp.formula
COA non-polymer 'COENZYME A' 'C21 H36 N7 O16 P3 S'
GOL non-polymer GLYCEROL 'C3 H8 O3'
SO4 non-polymer 'SULFATE ION' 'O4 S -2'
#
# COMPACT_ATOMS: atom_id res chain seq x y z
N MET A 1 -17.45 30.63 18.80
CA MET A 1 -16.94 29.64 17.83
C MET A 1 -16.70 28.29 18.49
N ASN A 2 -17.02 27.22 17.76
CA ASN A 2 -16.81 25.85 18.20
C ASN A 2 -15.65 25.20 17.46
N THR A 3 -14.64 24.77 18.22
CA THR A 3 -13.47 24.14 17.67
C THR A 3 -13.38 22.77 18.29
N ILE A 4 -13.23 21.77 17.43
CA ILE A 4 -12.93 20.42 17.88
C ILE A 4 -11.43 20.16 17.73
N SER A 5 -10.83 19.63 18.78
CA SER A 5 -9.40 19.32 18.78
C SER A 5 -9.13 18.03 19.57
N ILE A 6 -7.89 17.54 19.47
CA ILE A 6 -7.44 16.45 20.29
C ILE A 6 -7.52 16.84 21.79
N LEU A 7 -8.01 15.94 22.62
CA LEU A 7 -7.96 16.09 24.08
C LEU A 7 -6.60 15.67 24.57
N SER A 8 -5.75 16.65 24.87
CA SER A 8 -4.37 16.38 25.30
C SER A 8 -4.28 16.27 26.82
N THR A 9 -3.09 15.99 27.31
CA THR A 9 -2.83 15.85 28.74
C THR A 9 -3.22 17.08 29.54
N THR A 10 -2.89 18.29 29.03
CA THR A 10 -3.21 19.56 29.71
C THR A 10 -4.70 19.84 29.79
N ASP A 11 -5.45 19.26 28.86
CA ASP A 11 -6.90 19.35 28.85
C ASP A 11 -7.58 18.51 29.91
N LEU A 12 -6.85 17.53 30.45
CA LEU A 12 -7.44 16.49 31.31
C LEU A 12 -8.12 16.96 32.62
N PRO A 13 -7.47 17.86 33.41
CA PRO A 13 -8.18 18.51 34.54
C PRO A 13 -9.54 19.11 34.19
N ALA A 14 -9.61 19.91 33.12
CA ALA A 14 -10.88 20.47 32.67
C ALA A 14 -11.92 19.38 32.34
N ALA A 15 -11.49 18.35 31.61
CA ALA A 15 -12.37 17.25 31.23
C ALA A 15 -12.80 16.43 32.45
N TRP A 16 -11.89 16.27 33.43
CA TRP A 16 -12.21 15.55 34.68
C TRP A 16 -13.31 16.26 35.49
N GLN A 17 -13.30 17.60 35.53
CA GLN A 17 -14.41 18.38 36.10
C GLN A 17 -15.76 18.18 35.36
N ILE A 18 -15.74 18.21 34.03
CA ILE A 18 -16.96 17.99 33.25
C ILE A 18 -17.57 16.61 33.54
N GLU A 19 -16.72 15.59 33.71
CA GLU A 19 -17.12 14.22 34.01
C GLU A 19 -17.99 14.05 35.28
N GLN A 20 -17.55 14.68 36.37
CA GLN A 20 -18.22 14.70 37.67
C GLN A 20 -19.61 15.33 37.59
N ARG A 21 -19.67 16.46 36.87
CA ARG A 21 -20.88 17.25 36.63
C ARG A 21 -21.87 16.60 35.69
N ALA A 22 -21.39 16.09 34.56
CA ALA A 22 -22.27 15.65 33.46
C ALA A 22 -22.86 14.28 33.71
N HIS A 23 -22.04 13.32 34.14
CA HIS A 23 -22.45 11.93 34.30
C HIS A 23 -23.26 11.64 35.56
N ALA A 24 -24.34 10.88 35.40
CA ALA A 24 -25.13 10.40 36.55
C ALA A 24 -24.33 9.38 37.33
N PHE A 25 -23.45 8.66 36.61
CA PHE A 25 -22.51 7.69 37.16
C PHE A 25 -21.06 8.04 36.74
N PRO A 26 -20.49 9.11 37.32
CA PRO A 26 -19.08 9.43 36.93
C PRO A 26 -18.06 8.29 37.10
N TRP A 27 -17.10 8.22 36.19
CA TRP A 27 -15.92 7.36 36.33
C TRP A 27 -15.12 7.72 37.62
N SER A 28 -14.38 6.72 38.14
CA SER A 28 -13.32 7.01 39.10
C SER A 28 -12.15 7.71 38.41
N GLU A 29 -11.33 8.41 39.18
CA GLU A 29 -10.09 9.00 38.68
C GLU A 29 -9.15 8.06 37.93
N LYS A 30 -8.89 6.87 38.49
CA LYS A 30 -8.04 5.84 37.86
C LYS A 30 -8.61 5.43 36.52
N THR A 31 -9.93 5.27 36.43
CA THR A 31 -10.59 4.95 35.15
C THR A 31 -10.45 6.07 34.14
N PHE A 32 -10.71 7.29 34.59
CA PHE A 32 -10.57 8.48 33.75
C PHE A 32 -9.14 8.69 33.17
N PHE A 33 -8.13 8.65 34.04
CA PHE A 33 -6.74 8.86 33.60
C PHE A 33 -6.11 7.68 32.88
N GLY A 34 -6.65 6.48 33.09
CA GLY A 34 -6.30 5.26 32.34
C GLY A 34 -6.80 5.20 30.91
N ASN A 35 -7.94 5.82 30.63
CA ASN A 35 -8.52 5.83 29.30
C ASN A 35 -7.96 6.97 28.46
N GLN A 36 -6.63 6.99 28.35
CA GLN A 36 -5.86 7.99 27.60
C GLN A 36 -4.64 7.24 27.06
N GLY A 37 -3.98 7.79 26.05
CA GLY A 37 -2.69 7.29 25.68
C GLY A 37 -2.79 6.51 24.39
N GLU A 38 -1.99 5.46 24.29
CA GLU A 38 -1.92 4.68 23.04
C GLU A 38 -3.29 4.13 22.65
N ARG A 39 -3.58 4.22 21.34
CA ARG A 39 -4.85 3.75 20.79
C ARG A 39 -6.06 4.58 21.16
N TYR A 40 -5.88 5.64 21.92
CA TYR A 40 -6.99 6.56 22.24
C TYR A 40 -7.04 7.76 21.31
N LEU A 41 -8.23 7.98 20.75
CA LEU A 41 -8.58 9.14 19.95
C LEU A 41 -9.59 9.93 20.76
N ASN A 42 -9.05 10.75 21.67
CA ASN A 42 -9.87 11.54 22.58
C ASN A 42 -9.96 12.97 22.08
N LEU A 43 -11.16 13.54 22.18
CA LEU A 43 -11.45 14.81 21.57
C LEU A 43 -12.13 15.75 22.57
N LYS A 44 -11.89 17.05 22.39
CA LYS A 44 -12.65 18.06 23.11
C LYS A 44 -13.36 18.98 22.12
N LEU A 45 -14.49 19.52 22.55
CA LEU A 45 -15.14 20.62 21.81
C LEU A 45 -15.01 21.88 22.63
N THR A 46 -14.37 22.90 22.08
CA THR A 46 -14.20 24.16 22.79
C THR A 46 -15.19 25.20 22.30
N ALA A 47 -16.12 25.61 23.16
CA ALA A 47 -17.14 26.60 22.79
C ALA A 47 -16.70 27.95 23.25
N ASP A 48 -16.34 28.78 22.27
CA ASP A 48 -15.64 30.04 22.49
C ASP A 48 -14.29 29.77 23.16
N ASP A 49 -14.12 30.15 24.43
CA ASP A 49 -12.85 29.82 25.11
C ASP A 49 -13.00 28.91 26.33
N ARG A 50 -13.95 27.99 26.25
CA ARG A 50 -14.26 27.08 27.34
C ARG A 50 -14.42 25.69 26.76
N MET A 51 -13.96 24.68 27.49
CA MET A 51 -14.26 23.31 27.12
C MET A 51 -15.75 23.07 27.35
N ALA A 52 -16.45 22.69 26.28
CA ALA A 52 -17.89 22.42 26.32
C ALA A 52 -18.15 20.93 26.48
N ALA A 53 -17.29 20.12 25.85
CA ALA A 53 -17.50 18.69 25.74
C ALA A 53 -16.20 17.92 25.47
N PHE A 54 -16.20 16.63 25.81
CA PHE A 54 -15.09 15.75 25.42
C PHE A 54 -15.65 14.40 25.07
N ALA A 55 -14.88 13.62 24.31
CA ALA A 55 -15.24 12.26 23.93
C ALA A 55 -14.01 11.38 24.05
N ILE A 56 -14.19 10.20 24.67
CA ILE A 56 -13.13 9.20 24.88
C ILE A 56 -13.40 7.96 23.99
N THR A 57 -12.46 7.65 23.10
CA THR A 57 -12.61 6.56 22.13
C THR A 57 -11.30 5.79 21.98
N GLN A 58 -11.39 4.47 22.07
CA GLN A 58 -10.27 3.60 21.73
C GLN A 58 -10.47 2.91 20.39
N VAL A 59 -9.43 2.99 19.55
CA VAL A 59 -9.43 2.39 18.23
C VAL A 59 -8.60 1.10 18.30
N VAL A 60 -9.23 0.00 17.89
CA VAL A 60 -8.53 -1.30 17.77
C VAL A 60 -8.82 -1.89 16.40
N LEU A 61 -7.76 -2.01 15.60
CA LEU A 61 -7.85 -2.50 14.20
C LEU A 61 -8.82 -1.58 13.45
N ASP A 62 -9.87 -2.15 12.87
CA ASP A 62 -10.82 -1.37 12.07
C ASP A 62 -12.14 -1.11 12.83
N GLU A 63 -12.05 -1.14 14.16
CA GLU A 63 -13.22 -0.85 15.04
C GLU A 63 -12.80 0.08 16.15
N ALA A 64 -13.81 0.66 16.80
CA ALA A 64 -13.62 1.65 17.83
C ALA A 64 -14.73 1.52 18.87
N THR A 65 -14.41 1.87 20.11
CA THR A 65 -15.39 1.92 21.17
C THR A 65 -15.40 3.32 21.74
N LEU A 66 -16.57 3.95 21.70
CA LEU A 66 -16.80 5.19 22.44
C LEU A 66 -17.06 4.89 23.92
N PHE A 67 -16.05 5.16 24.75
CA PHE A 67 -16.13 4.91 26.18
C PHE A 67 -16.90 5.99 26.91
N ASN A 68 -16.86 7.20 26.37
CA ASN A 68 -17.39 8.36 27.05
C ASN A 68 -17.71 9.50 26.08
N ILE A 69 -18.90 10.07 26.19
CA ILE A 69 -19.18 11.39 25.65
C ILE A 69 -19.82 12.17 26.79
N ALA A 70 -19.35 13.38 27.05
CA ALA A 70 -19.98 14.23 28.05
C ALA A 70 -19.95 15.67 27.59
N VAL A 71 -21.07 16.34 27.82
CA VAL A 71 -21.28 17.74 27.50
C VAL A 71 -21.56 18.41 28.83
N ASP A 72 -20.82 19.49 29.09
CA ASP A 72 -20.97 20.23 30.32
C ASP A 72 -22.46 20.69 30.41
N PRO A 73 -23.16 20.45 31.56
CA PRO A 73 -24.57 20.80 31.71
C PRO A 73 -24.94 22.21 31.24
N ASP A 74 -24.04 23.18 31.42
CA ASP A 74 -24.21 24.56 30.94
C ASP A 74 -24.36 24.66 29.44
N PHE A 75 -23.94 23.60 28.73
CA PHE A 75 -23.88 23.59 27.27
C PHE A 75 -24.82 22.60 26.58
N GLN A 76 -25.64 21.89 27.37
CA GLN A 76 -26.45 20.79 26.84
C GLN A 76 -27.66 21.25 26.00
N ARG A 77 -28.21 20.34 25.18
CA ARG A 77 -29.37 20.66 24.33
C ARG A 77 -29.08 21.81 23.36
N ARG A 78 -27.85 21.87 22.88
CA ARG A 78 -27.40 22.97 22.03
C ARG A 78 -26.77 22.45 20.74
N GLY A 79 -26.77 21.13 20.58
CA GLY A 79 -26.23 20.49 19.37
C GLY A 79 -24.77 20.07 19.45
N LEU A 80 -24.12 20.39 20.57
CA LEU A 80 -22.66 20.19 20.67
C LEU A 80 -22.22 18.73 20.84
N GLY A 81 -23.03 17.92 21.51
CA GLY A 81 -22.76 16.49 21.63
C GLY A 81 -22.85 15.79 20.29
N ARG A 82 -23.90 16.09 19.52
CA ARG A 82 -24.01 15.61 18.15
C ARG A 82 -22.83 16.05 17.29
N MET A 83 -22.48 17.34 17.38
CA MET A 83 -21.38 17.91 16.59
C MET A 83 -20.03 17.23 16.85
N LEU A 84 -19.75 16.99 18.13
CA LEU A 84 -18.52 16.33 18.55
C LEU A 84 -18.43 14.91 18.01
N LEU A 85 -19.53 14.17 18.16
CA LEU A 85 -19.67 12.80 17.63
C LEU A 85 -19.58 12.70 16.11
N GLU A 86 -20.07 13.72 15.41
CA GLU A 86 -19.99 13.77 13.95
C GLU A 86 -18.56 13.93 13.47
N HIS A 87 -17.80 14.81 14.13
CA HIS A 87 -16.40 15.02 13.83
C HIS A 87 -15.59 13.76 14.19
N LEU A 88 -15.97 13.11 15.30
CA LEU A 88 -15.38 11.84 15.65
C LEU A 88 -15.61 10.75 14.55
N ILE A 89 -16.86 10.55 14.16
CA ILE A 89 -17.23 9.58 13.13
C ILE A 89 -16.47 9.86 11.81
N ASP A 90 -16.43 11.12 11.38
CA ASP A 90 -15.61 11.54 10.25
C ASP A 90 -14.15 11.16 10.42
N GLU A 91 -13.58 11.41 11.60
CA GLU A 91 -12.18 11.10 11.88
C GLU A 91 -11.92 9.58 11.86
N LEU A 92 -12.83 8.80 12.44
CA LEU A 92 -12.79 7.32 12.42
C LEU A 92 -12.85 6.74 10.98
N GLU A 93 -13.69 7.32 10.13
CA GLU A 93 -13.76 6.93 8.75
C GLU A 93 -12.41 7.12 8.06
N THR A 94 -11.76 8.26 8.27
CA THR A 94 -10.45 8.47 7.63
C THR A 94 -9.40 7.46 8.12
N ARG A 95 -9.65 6.83 9.27
CA ARG A 95 -8.69 5.91 9.86
C ARG A 95 -9.02 4.47 9.48
N GLY A 96 -10.02 4.25 8.64
CA GLY A 96 -10.41 2.92 8.25
C GLY A 96 -11.29 2.19 9.25
N VAL A 97 -11.85 2.90 10.21
CA VAL A 97 -12.75 2.32 11.22
C VAL A 97 -14.17 2.15 10.64
N VAL A 98 -14.70 0.92 10.70
CA VAL A 98 -15.95 0.56 10.04
C VAL A 98 -17.12 0.46 11.00
N THR A 99 -16.85 0.36 12.30
CA THR A 99 -17.89 0.23 13.33
C THR A 99 -17.47 0.96 14.62
N LEU A 100 -18.35 1.84 15.11
CA LEU A 100 -18.17 2.45 16.42
C LEU A 100 -19.15 1.81 17.41
N TRP A 101 -18.60 1.23 18.47
CA TRP A 101 -19.35 0.55 19.51
C TRP A 101 -19.48 1.45 20.71
N LEU A 102 -20.61 1.30 21.41
CA LEU A 102 -20.75 1.84 22.76
C LEU A 102 -21.67 0.96 23.58
N GLU A 103 -21.74 1.28 24.85
CA GLU A 103 -22.60 0.61 25.81
C GLU A 103 -23.23 1.76 26.59
N VAL A 104 -24.54 1.69 26.85
CA VAL A 104 -25.26 2.78 27.55
C VAL A 104 -26.36 2.20 28.47
N ARG A 105 -26.51 2.77 29.67
CA ARG A 105 -27.59 2.31 30.54
C ARG A 105 -28.96 2.62 29.91
N ALA A 106 -29.88 1.67 30.01
CA ALA A 106 -31.19 1.76 29.35
C ALA A 106 -32.03 2.98 29.77
N SER A 107 -31.72 3.56 30.93
CA SER A 107 -32.51 4.71 31.40
C SER A 107 -31.92 6.06 31.00
N ASN A 108 -30.86 6.04 30.19
CA ASN A 108 -30.23 7.27 29.72
C ASN A 108 -30.87 7.73 28.43
N ALA A 109 -32.03 8.36 28.55
CA ALA A 109 -32.87 8.77 27.44
C ALA A 109 -32.21 9.74 26.44
N ALA A 110 -31.39 10.64 26.99
CA ALA A 110 -30.71 11.71 26.26
C ALA A 110 -29.58 11.15 25.38
N ALA A 111 -28.71 10.36 26.00
CA ALA A 111 -27.68 9.59 25.32
C ALA A 111 -28.28 8.69 24.23
N ILE A 112 -29.24 7.83 24.61
CA ILE A 112 -29.90 6.93 23.66
C ILE A 112 -30.45 7.70 22.46
N ALA A 113 -31.10 8.85 22.70
CA ALA A 113 -31.63 9.67 21.60
C ALA A 113 -30.52 10.24 20.70
N LEU A 114 -29.46 10.77 21.32
CA LEU A 114 -28.30 11.25 20.58
C LEU A 114 -27.76 10.18 19.62
N TYR A 115 -27.67 8.95 20.12
CA TYR A 115 -27.10 7.84 19.38
C TYR A 115 -28.06 7.40 18.29
N GLU A 116 -29.33 7.39 18.59
CA GLU A 116 -30.32 7.07 17.57
C GLU A 116 -30.21 7.99 16.34
N SER A 117 -30.03 9.30 16.59
CA SER A 117 -29.98 10.32 15.53
C SER A 117 -28.73 10.18 14.67
N LEU A 118 -27.67 9.63 15.25
CA LEU A 118 -26.45 9.40 14.51
C LEU A 118 -26.45 8.07 13.74
N GLY A 119 -27.45 7.22 14.01
CA GLY A 119 -27.64 5.99 13.27
C GLY A 119 -27.20 4.74 14.03
N PHE A 120 -26.81 4.89 15.29
CA PHE A 120 -26.42 3.74 16.10
C PHE A 120 -27.56 2.75 16.15
N ASN A 121 -27.24 1.46 16.00
CA ASN A 121 -28.25 0.39 16.09
C ASN A 121 -28.08 -0.37 17.37
N GLU A 122 -29.16 -0.87 17.91
CA GLU A 122 -29.12 -1.70 19.11
C GLU A 122 -28.61 -3.07 18.70
N ALA A 123 -27.46 -3.46 19.26
CA ALA A 123 -26.85 -4.75 18.96
C ALA A 123 -27.39 -5.79 19.93
N THR A 124 -27.46 -5.43 21.21
CA THR A 124 -27.97 -6.33 22.23
C THR A 124 -28.38 -5.57 23.50
N ILE A 125 -29.12 -6.26 24.36
CA ILE A 125 -29.45 -5.74 25.70
C ILE A 125 -28.88 -6.66 26.78
N ARG A 126 -27.91 -6.15 27.53
CA ARG A 126 -27.42 -6.87 28.72
C ARG A 126 -28.33 -6.64 29.93
N ARG A 127 -29.22 -7.58 30.20
CA ARG A 127 -30.15 -7.47 31.32
C ARG A 127 -29.42 -7.38 32.66
N ASN A 128 -29.88 -6.45 33.50
CA ASN A 128 -29.38 -6.24 34.87
C ASN A 128 -27.85 -6.17 34.98
N TYR A 129 -27.25 -5.47 34.04
CA TYR A 129 -25.82 -5.47 33.89
C TYR A 129 -25.08 -4.51 34.85
N TYR A 130 -25.63 -3.32 35.04
CA TYR A 130 -25.00 -2.29 35.88
C TYR A 130 -25.52 -2.36 37.30
N PRO A 131 -24.60 -2.58 38.27
CA PRO A 131 -25.03 -2.50 39.66
C PRO A 131 -25.18 -1.03 40.04
N THR A 132 -26.24 -0.72 40.79
CA THR A 132 -26.53 0.65 41.19
C THR A 132 -27.01 0.64 42.62
N ALA A 133 -27.10 1.83 43.22
CA ALA A 133 -27.67 1.99 44.53
C ALA A 133 -29.09 1.42 44.65
N GLN A 134 -29.80 1.36 43.53
CA GLN A 134 -31.17 0.84 43.42
C GLN A 134 -31.26 -0.65 43.07
N GLY A 135 -30.14 -1.30 42.76
CA GLY A 135 -30.20 -2.66 42.26
C GLY A 135 -29.52 -2.75 40.91
N HIS A 136 -30.15 -3.34 39.93
CA HIS A 136 -29.48 -3.46 38.65
C HIS A 136 -30.23 -2.77 37.52
N GLU A 137 -29.49 -2.47 36.48
CA GLU A 137 -30.06 -1.71 35.41
C GLU A 137 -29.52 -2.31 34.12
N ASP A 138 -30.37 -2.38 33.09
CA ASP A 138 -29.94 -2.94 31.80
C ASP A 138 -28.91 -2.05 31.13
N ALA A 139 -28.02 -2.67 30.37
CA ALA A 139 -27.13 -1.95 29.45
C ALA A 139 -27.50 -2.30 28.01
N ILE A 140 -27.59 -1.26 27.19
CA ILE A 140 -27.76 -1.43 25.77
C ILE A 140 -26.41 -1.26 25.06
N ILE A 141 -26.03 -2.27 24.30
CA ILE A 141 -24.87 -2.23 23.44
C ILE A 141 -25.32 -1.77 22.07
N MET A 142 -24.72 -0.68 21.60
CA MET A 142 -25.04 -0.14 20.28
C MET A 142 -23.84 -0.13 19.37
N ALA A 143 -24.12 -0.27 18.07
CA ALA A 143 -23.09 -0.22 17.01
C ALA A 143 -23.52 0.73 15.88
N LEU A 144 -22.60 1.61 15.49
CA LEU A 144 -22.73 2.44 14.33
C LEU A 144 -21.81 1.92 13.20
N PRO A 145 -22.39 1.41 12.10
CA PRO A 145 -21.66 1.15 10.87
C PRO A 145 -21.12 2.46 10.29
N ILE A 146 -19.85 2.49 9.89
CA ILE A 146 -19.32 3.70 9.34
C ILE A 146 -18.89 3.35 7.93
N SER A 147 -19.60 3.91 6.95
CA SER A 147 -19.36 3.51 5.58
C SER A 147 -18.10 4.21 5.07
N MET A 148 -17.35 3.49 4.25
CA MET A 148 -16.05 3.91 3.69
C MET A 148 -16.23 5.00 2.62
N LYS A 149 -15.38 6.01 2.66
CA LYS A 149 -15.43 7.09 1.68
C LYS A 149 -14.18 7.06 0.80
N LEU A 150 -14.24 7.76 -0.32
CA LEU A 150 -13.07 8.05 -1.15
C LEU A 150 -12.30 9.22 -0.52
N HIS A 151 -10.98 9.20 -0.61
CA HIS A 151 -10.13 10.19 0.06
C HIS A 151 -9.21 10.96 -0.89
N MET B 1 -1.68 4.53 -22.18
CA MET B 1 -1.65 4.06 -23.59
C MET B 1 -0.20 3.83 -24.07
N ASN B 2 0.02 2.68 -24.71
CA ASN B 2 1.36 2.20 -25.09
C ASN B 2 1.61 2.35 -26.58
N THR B 3 2.80 2.86 -26.91
CA THR B 3 3.17 3.08 -28.29
C THR B 3 4.58 2.57 -28.47
N ILE B 4 4.70 1.73 -29.48
CA ILE B 4 5.95 1.21 -29.90
C ILE B 4 6.40 1.98 -31.13
N SER B 5 7.65 2.43 -31.08
CA SER B 5 8.24 3.18 -32.17
C SER B 5 9.74 2.93 -32.20
N ILE B 6 10.39 3.38 -33.26
CA ILE B 6 11.83 3.33 -33.39
C ILE B 6 12.50 4.07 -32.23
N LEU B 7 13.59 3.50 -31.71
CA LEU B 7 14.42 4.20 -30.73
C LEU B 7 15.43 5.00 -31.52
N SER B 8 15.29 6.32 -31.52
CA SER B 8 16.22 7.19 -32.28
C SER B 8 17.19 7.93 -31.37
N THR B 9 18.14 8.64 -31.99
CA THR B 9 19.15 9.41 -31.28
C THR B 9 18.63 10.25 -30.09
N THR B 10 17.55 11.01 -30.28
CA THR B 10 16.92 11.83 -29.21
C THR B 10 16.51 11.00 -27.97
N ASP B 11 16.22 9.72 -28.21
CA ASP B 11 15.67 8.81 -27.20
C ASP B 11 16.76 8.18 -26.33
N LEU B 12 18.00 8.25 -26.78
CA LEU B 12 19.08 7.52 -26.16
C LEU B 12 19.35 7.90 -24.72
N PRO B 13 19.32 9.21 -24.39
CA PRO B 13 19.45 9.61 -22.99
C PRO B 13 18.43 8.98 -22.03
N ALA B 14 17.16 8.95 -22.41
CA ALA B 14 16.13 8.28 -21.63
C ALA B 14 16.31 6.75 -21.58
N ALA B 15 16.70 6.12 -22.69
CA ALA B 15 17.00 4.67 -22.71
C ALA B 15 18.20 4.31 -21.85
N TRP B 16 19.22 5.15 -21.86
CA TRP B 16 20.43 4.95 -21.05
C TRP B 16 20.11 5.09 -19.54
N GLN B 17 19.13 5.92 -19.19
CA GLN B 17 18.60 5.94 -17.82
C GLN B 17 17.95 4.62 -17.41
N ILE B 18 17.05 4.11 -18.23
CA ILE B 18 16.46 2.80 -18.03
C ILE B 18 17.53 1.71 -17.93
N GLU B 19 18.54 1.73 -18.81
CA GLU B 19 19.68 0.80 -18.73
C GLU B 19 20.32 0.74 -17.32
N GLN B 20 20.75 1.89 -16.80
CA GLN B 20 21.31 2.01 -15.46
C GLN B 20 20.41 1.46 -14.36
N ARG B 21 19.12 1.82 -14.45
CA ARG B 21 18.14 1.48 -13.43
C ARG B 21 17.76 0.00 -13.49
N ALA B 22 17.59 -0.54 -14.69
CA ALA B 22 16.94 -1.85 -14.89
C ALA B 22 17.90 -3.05 -14.78
N HIS B 23 19.04 -2.96 -15.45
CA HIS B 23 19.96 -4.08 -15.58
C HIS B 23 20.80 -4.34 -14.35
N ALA B 24 20.85 -5.62 -13.94
CA ALA B 24 21.76 -6.04 -12.86
C ALA B 24 23.20 -5.91 -13.30
N PHE B 25 23.45 -6.05 -14.60
CA PHE B 25 24.77 -5.82 -15.15
C PHE B 25 24.74 -4.80 -16.26
N PRO B 26 24.63 -3.51 -15.91
CA PRO B 26 24.45 -2.55 -17.02
C PRO B 26 25.65 -2.46 -17.98
N TRP B 27 25.34 -2.16 -19.24
CA TRP B 27 26.37 -1.80 -20.21
C TRP B 27 27.12 -0.55 -19.79
N SER B 28 28.36 -0.46 -20.29
CA SER B 28 29.08 0.79 -20.27
C SER B 28 28.47 1.72 -21.31
N GLU B 29 28.81 2.99 -21.15
CA GLU B 29 28.40 4.03 -22.05
C GLU B 29 28.86 3.76 -23.48
N LYS B 30 30.12 3.37 -23.67
CA LYS B 30 30.62 3.03 -25.02
C LYS B 30 29.84 1.91 -25.67
N THR B 31 29.51 0.87 -24.89
CA THR B 31 28.77 -0.27 -25.41
C THR B 31 27.36 0.18 -25.75
N PHE B 32 26.72 0.91 -24.82
CA PHE B 32 25.36 1.37 -25.06
C PHE B 32 25.23 2.24 -26.32
N PHE B 33 26.04 3.28 -26.41
CA PHE B 33 26.00 4.17 -27.58
C PHE B 33 26.59 3.58 -28.86
N GLY B 34 27.36 2.50 -28.75
CA GLY B 34 27.92 1.81 -29.90
C GLY B 34 26.89 0.93 -30.56
N ASN B 35 25.87 0.52 -29.81
CA ASN B 35 24.86 -0.39 -30.35
C ASN B 35 23.67 0.30 -30.98
N GLN B 36 23.95 1.13 -31.98
CA GLN B 36 22.97 1.93 -32.68
C GLN B 36 23.43 2.06 -34.12
N GLY B 37 22.50 2.38 -35.02
CA GLY B 37 22.89 2.84 -36.34
C GLY B 37 22.65 1.76 -37.37
N GLU B 38 23.53 1.64 -38.35
CA GLU B 38 23.30 0.71 -39.46
C GLU B 38 23.18 -0.76 -39.02
N ARG B 39 22.09 -1.36 -39.49
CA ARG B 39 21.70 -2.73 -39.16
C ARG B 39 20.97 -2.86 -37.83
N TYR B 40 20.80 -1.76 -37.10
CA TYR B 40 20.07 -1.82 -35.84
C TYR B 40 18.62 -1.44 -35.96
N LEU B 41 17.78 -2.34 -35.47
CA LEU B 41 16.34 -2.13 -35.36
C LEU B 41 16.03 -2.01 -33.87
N ASN B 42 16.16 -0.78 -33.37
CA ASN B 42 16.01 -0.47 -31.96
C ASN B 42 14.65 0.14 -31.70
N LEU B 43 13.95 -0.36 -30.70
CA LEU B 43 12.59 0.08 -30.43
C LEU B 43 12.44 0.64 -29.03
N LYS B 44 11.50 1.57 -28.88
CA LYS B 44 11.04 1.99 -27.58
C LYS B 44 9.54 1.70 -27.41
N LEU B 45 9.12 1.53 -26.15
CA LEU B 45 7.71 1.46 -25.81
C LEU B 45 7.48 2.67 -24.88
N THR B 46 6.63 3.60 -25.30
CA THR B 46 6.27 4.69 -24.41
C THR B 46 4.87 4.46 -23.83
N ALA B 47 4.77 4.55 -22.51
CA ALA B 47 3.51 4.34 -21.80
C ALA B 47 3.04 5.70 -21.39
N ASP B 48 1.99 6.19 -22.06
CA ASP B 48 1.53 7.58 -21.95
C ASP B 48 2.64 8.59 -22.33
N ASP B 49 3.16 9.31 -21.33
CA ASP B 49 4.20 10.31 -21.55
C ASP B 49 5.63 9.74 -21.63
N ARG B 50 5.91 8.72 -20.81
CA ARG B 50 7.28 8.29 -20.55
C ARG B 50 7.73 7.12 -21.41
N MET B 51 9.02 7.06 -21.69
CA MET B 51 9.67 5.83 -22.11
C MET B 51 9.61 4.78 -21.01
N ALA B 52 9.03 3.62 -21.31
CA ALA B 52 8.86 2.54 -20.37
C ALA B 52 9.86 1.41 -20.59
N ALA B 53 10.24 1.18 -21.85
CA ALA B 53 11.03 0.03 -22.25
C ALA B 53 11.74 0.33 -23.58
N PHE B 54 12.87 -0.35 -23.82
CA PHE B 54 13.52 -0.29 -25.13
C PHE B 54 14.07 -1.68 -25.39
N ALA B 55 14.38 -1.94 -26.66
CA ALA B 55 15.00 -3.20 -27.13
C ALA B 55 16.04 -2.88 -28.22
N ILE B 56 17.25 -3.45 -28.10
CA ILE B 56 18.36 -3.25 -29.05
C ILE B 56 18.51 -4.56 -29.86
N THR B 57 18.38 -4.48 -31.18
CA THR B 57 18.47 -5.66 -32.06
C THR B 57 19.27 -5.30 -33.31
N GLN B 58 20.16 -6.20 -33.70
CA GLN B 58 20.90 -6.07 -34.92
C GLN B 58 20.41 -7.10 -35.92
N VAL B 59 20.10 -6.65 -37.13
CA VAL B 59 19.64 -7.53 -38.22
C VAL B 59 20.78 -7.74 -39.21
N VAL B 60 21.17 -9.01 -39.40
CA VAL B 60 22.23 -9.36 -40.32
C VAL B 60 21.70 -10.48 -41.21
N LEU B 61 21.45 -10.18 -42.49
CA LEU B 61 20.91 -11.13 -43.48
C LEU B 61 19.51 -11.60 -43.03
N ASP B 62 19.29 -12.92 -42.93
CA ASP B 62 17.97 -13.39 -42.45
C ASP B 62 17.95 -13.79 -40.95
N GLU B 63 18.88 -13.25 -40.17
CA GLU B 63 18.97 -13.51 -38.76
C GLU B 63 19.15 -12.22 -37.97
N ALA B 64 18.80 -12.24 -36.69
CA ALA B 64 18.94 -11.09 -35.83
C ALA B 64 19.34 -11.53 -34.44
N THR B 65 19.99 -10.63 -33.70
CA THR B 65 20.37 -10.86 -32.32
C THR B 65 19.74 -9.78 -31.48
N LEU B 66 18.96 -10.18 -30.48
CA LEU B 66 18.50 -9.25 -29.45
C LEU B 66 19.65 -9.01 -28.47
N PHE B 67 20.20 -7.79 -28.46
CA PHE B 67 21.31 -7.52 -27.52
C PHE B 67 20.84 -7.05 -26.14
N ASN B 68 19.66 -6.45 -26.10
CA ASN B 68 19.16 -5.82 -24.89
C ASN B 68 17.67 -5.63 -24.98
N ILE B 69 16.95 -6.06 -23.96
CA ILE B 69 15.59 -5.58 -23.66
C ILE B 69 15.60 -5.16 -22.17
N ALA B 70 15.09 -3.96 -21.88
CA ALA B 70 15.05 -3.45 -20.53
C ALA B 70 13.74 -2.71 -20.39
N VAL B 71 13.07 -2.96 -19.26
CA VAL B 71 11.85 -2.26 -18.87
C VAL B 71 12.18 -1.51 -17.59
N ASP B 72 11.84 -0.23 -17.55
CA ASP B 72 12.07 0.54 -16.35
C ASP B 72 11.46 -0.16 -15.14
N PRO B 73 12.21 -0.21 -14.01
CA PRO B 73 11.64 -0.79 -12.80
C PRO B 73 10.21 -0.33 -12.47
N ASP B 74 9.84 0.90 -12.82
CA ASP B 74 8.51 1.46 -12.51
C ASP B 74 7.37 0.80 -13.32
N PHE B 75 7.74 0.13 -14.42
CA PHE B 75 6.81 -0.41 -15.42
C PHE B 75 6.92 -1.93 -15.53
N GLN B 76 7.75 -2.53 -14.69
CA GLN B 76 8.02 -3.96 -14.78
C GLN B 76 6.83 -4.76 -14.29
N ARG B 77 6.65 -5.96 -14.84
CA ARG B 77 5.62 -6.94 -14.42
C ARG B 77 4.18 -6.52 -14.77
N ARG B 78 4.07 -5.81 -15.88
CA ARG B 78 2.80 -5.33 -16.43
C ARG B 78 2.56 -5.82 -17.89
N GLY B 79 3.41 -6.73 -18.36
CA GLY B 79 3.32 -7.27 -19.74
C GLY B 79 3.99 -6.43 -20.83
N LEU B 80 4.76 -5.41 -20.47
CA LEU B 80 5.27 -4.44 -21.44
C LEU B 80 6.51 -4.94 -22.16
N GLY B 81 7.33 -5.70 -21.45
CA GLY B 81 8.46 -6.43 -22.03
C GLY B 81 8.04 -7.40 -23.09
N ARG B 82 7.03 -8.20 -22.79
CA ARG B 82 6.43 -9.09 -23.77
C ARG B 82 5.79 -8.36 -24.95
N MET B 83 5.06 -7.29 -24.68
CA MET B 83 4.46 -6.51 -25.72
C MET B 83 5.52 -5.98 -26.69
N LEU B 84 6.55 -5.33 -26.15
CA LEU B 84 7.66 -4.84 -26.96
C LEU B 84 8.34 -5.93 -27.84
N LEU B 85 8.59 -7.11 -27.27
CA LEU B 85 9.21 -8.21 -28.02
C LEU B 85 8.32 -8.77 -29.13
N GLU B 86 7.02 -8.88 -28.86
CA GLU B 86 6.01 -9.28 -29.86
C GLU B 86 5.98 -8.41 -31.09
N HIS B 87 6.06 -7.10 -30.89
CA HIS B 87 6.15 -6.14 -31.97
C HIS B 87 7.46 -6.24 -32.71
N LEU B 88 8.57 -6.37 -31.99
CA LEU B 88 9.85 -6.67 -32.62
C LEU B 88 9.78 -7.93 -33.46
N ILE B 89 9.24 -9.00 -32.90
CA ILE B 89 9.20 -10.28 -33.61
C ILE B 89 8.35 -10.16 -34.88
N ASP B 90 7.20 -9.45 -34.82
CA ASP B 90 6.39 -9.15 -35.99
C ASP B 90 7.10 -8.37 -37.11
N GLU B 91 7.79 -7.30 -36.71
CA GLU B 91 8.66 -6.52 -37.56
C GLU B 91 9.79 -7.38 -38.21
N LEU B 92 10.41 -8.24 -37.42
CA LEU B 92 11.45 -9.14 -37.93
C LEU B 92 10.94 -10.10 -38.99
N GLU B 93 9.79 -10.71 -38.73
CA GLU B 93 9.15 -11.55 -39.73
C GLU B 93 8.90 -10.83 -41.06
N THR B 94 8.37 -9.59 -41.01
CA THR B 94 8.14 -8.80 -42.20
C THR B 94 9.45 -8.55 -42.95
N ARG B 95 10.57 -8.58 -42.23
CA ARG B 95 11.89 -8.36 -42.83
C ARG B 95 12.58 -9.63 -43.32
N GLY B 96 11.87 -10.76 -43.27
CA GLY B 96 12.49 -12.02 -43.72
C GLY B 96 13.46 -12.66 -42.76
N VAL B 97 13.48 -12.18 -41.52
CA VAL B 97 14.33 -12.72 -40.47
C VAL B 97 13.68 -14.00 -39.92
N VAL B 98 14.46 -15.10 -39.91
CA VAL B 98 13.91 -16.44 -39.59
C VAL B 98 14.30 -16.92 -38.20
N THR B 99 15.29 -16.27 -37.61
CA THR B 99 15.77 -16.64 -36.26
C THR B 99 16.23 -15.41 -35.50
N LEU B 100 15.74 -15.30 -34.27
CA LEU B 100 16.15 -14.30 -33.33
C LEU B 100 16.99 -14.95 -32.25
N TRP B 101 18.26 -14.53 -32.13
CA TRP B 101 19.20 -15.06 -31.14
C TRP B 101 19.33 -14.13 -29.94
N LEU B 102 19.72 -14.70 -28.80
CA LEU B 102 20.10 -13.90 -27.64
C LEU B 102 20.98 -14.76 -26.73
N GLU B 103 21.74 -14.10 -25.85
CA GLU B 103 22.38 -14.79 -24.74
C GLU B 103 21.87 -14.20 -23.44
N VAL B 104 21.71 -15.04 -22.42
CA VAL B 104 21.16 -14.58 -21.14
C VAL B 104 21.92 -15.29 -20.00
N ARG B 105 22.29 -14.56 -18.95
CA ARG B 105 22.87 -15.27 -17.82
C ARG B 105 21.77 -16.13 -17.14
N ALA B 106 22.19 -17.27 -16.58
CA ALA B 106 21.30 -18.35 -16.17
C ALA B 106 20.48 -18.01 -14.94
N SER B 107 20.95 -17.04 -14.17
CA SER B 107 20.25 -16.62 -12.96
C SER B 107 19.22 -15.47 -13.22
N ASN B 108 19.10 -15.02 -14.47
CA ASN B 108 18.19 -13.96 -14.82
C ASN B 108 16.83 -14.55 -15.09
N ALA B 109 16.15 -14.92 -13.98
CA ALA B 109 14.82 -15.55 -14.01
C ALA B 109 13.74 -14.74 -14.72
N ALA B 110 13.74 -13.42 -14.54
CA ALA B 110 12.73 -12.55 -15.14
C ALA B 110 12.80 -12.62 -16.67
N ALA B 111 14.02 -12.48 -17.22
CA ALA B 111 14.32 -12.49 -18.66
C ALA B 111 14.08 -13.86 -19.28
N ILE B 112 14.64 -14.91 -18.64
CA ILE B 112 14.41 -16.30 -19.10
C ILE B 112 12.93 -16.59 -19.17
N ALA B 113 12.16 -16.12 -18.18
CA ALA B 113 10.71 -16.33 -18.16
C ALA B 113 10.07 -15.63 -19.34
N LEU B 114 10.45 -14.37 -19.55
CA LEU B 114 10.04 -13.62 -20.75
C LEU B 114 10.38 -14.33 -22.08
N TYR B 115 11.63 -14.77 -22.24
CA TYR B 115 12.01 -15.48 -23.47
C TYR B 115 11.20 -16.75 -23.67
N GLU B 116 11.02 -17.49 -22.59
CA GLU B 116 10.24 -18.74 -22.60
C GLU B 116 8.79 -18.55 -22.99
N SER B 117 8.15 -17.51 -22.47
CA SER B 117 6.76 -17.19 -22.82
C SER B 117 6.59 -16.90 -24.31
N LEU B 118 7.69 -16.52 -24.98
CA LEU B 118 7.67 -16.13 -26.40
C LEU B 118 8.09 -17.25 -27.38
N GLY B 119 8.50 -18.39 -26.85
CA GLY B 119 8.88 -19.54 -27.66
C GLY B 119 10.37 -19.71 -27.93
N PHE B 120 11.21 -18.92 -27.28
CA PHE B 120 12.66 -19.08 -27.39
C PHE B 120 13.08 -20.48 -26.90
N ASN B 121 13.88 -21.16 -27.71
CA ASN B 121 14.47 -22.44 -27.33
C ASN B 121 15.91 -22.24 -26.87
N GLU B 122 16.30 -22.97 -25.82
CA GLU B 122 17.70 -23.04 -25.41
C GLU B 122 18.51 -23.72 -26.48
N ALA B 123 19.51 -23.03 -27.02
CA ALA B 123 20.35 -23.60 -28.05
C ALA B 123 21.59 -24.28 -27.44
N THR B 124 22.24 -23.60 -26.51
CA THR B 124 23.38 -24.14 -25.78
C THR B 124 23.69 -23.35 -24.50
N ILE B 125 24.42 -24.00 -23.59
CA ILE B 125 24.92 -23.32 -22.40
C ILE B 125 26.43 -23.15 -22.50
N ARG B 126 26.88 -21.93 -22.24
CA ARG B 126 28.31 -21.63 -22.14
C ARG B 126 28.58 -21.53 -20.66
N ARG B 127 29.12 -22.62 -20.10
CA ARG B 127 29.34 -22.72 -18.66
C ARG B 127 30.42 -21.72 -18.26
N ASN B 128 30.22 -21.08 -17.10
CA ASN B 128 31.08 -19.99 -16.60
C ASN B 128 31.45 -18.87 -17.59
N TYR B 129 30.55 -18.53 -18.49
CA TYR B 129 30.86 -17.54 -19.49
C TYR B 129 31.05 -16.13 -18.90
N TYR B 130 30.22 -15.75 -17.95
CA TYR B 130 30.25 -14.39 -17.44
C TYR B 130 31.06 -14.26 -16.17
N PRO B 131 32.10 -13.42 -16.20
CA PRO B 131 32.84 -13.07 -14.96
C PRO B 131 32.06 -12.02 -14.18
N THR B 132 31.86 -12.25 -12.88
CA THR B 132 31.16 -11.28 -12.01
C THR B 132 31.90 -11.16 -10.67
N ALA B 133 31.52 -10.18 -9.86
CA ALA B 133 32.09 -9.99 -8.53
C ALA B 133 31.84 -11.19 -7.62
N GLN B 134 30.85 -11.99 -7.96
CA GLN B 134 30.45 -13.13 -7.14
C GLN B 134 30.91 -14.46 -7.75
N GLY B 135 31.74 -14.40 -8.78
CA GLY B 135 32.19 -15.59 -9.47
C GLY B 135 31.62 -15.66 -10.87
N HIS B 136 31.92 -16.75 -11.57
CA HIS B 136 31.49 -16.95 -12.94
C HIS B 136 30.07 -17.50 -13.03
N GLU B 137 29.36 -17.13 -14.10
CA GLU B 137 27.97 -17.48 -14.28
C GLU B 137 27.78 -18.01 -15.69
N ASP B 138 26.88 -18.98 -15.82
CA ASP B 138 26.55 -19.57 -17.11
C ASP B 138 25.78 -18.59 -17.97
N ALA B 139 26.11 -18.58 -19.26
CA ALA B 139 25.26 -17.94 -20.27
C ALA B 139 24.43 -19.00 -21.05
N ILE B 140 23.15 -18.71 -21.23
CA ILE B 140 22.27 -19.57 -22.01
C ILE B 140 22.14 -18.88 -23.34
N ILE B 141 22.41 -19.61 -24.41
CA ILE B 141 22.15 -19.08 -25.72
C ILE B 141 20.81 -19.62 -26.16
N MET B 142 19.94 -18.71 -26.58
CA MET B 142 18.60 -19.06 -26.99
C MET B 142 18.32 -18.60 -28.40
N ALA B 143 17.44 -19.34 -29.08
CA ALA B 143 17.02 -19.03 -30.43
C ALA B 143 15.50 -19.12 -30.54
N LEU B 144 14.89 -18.14 -31.20
CA LEU B 144 13.50 -18.19 -31.55
C LEU B 144 13.36 -18.34 -33.07
N PRO B 145 12.85 -19.50 -33.52
CA PRO B 145 12.44 -19.61 -34.92
C PRO B 145 11.22 -18.73 -35.22
N ILE B 146 11.33 -17.95 -36.30
CA ILE B 146 10.26 -17.10 -36.76
C ILE B 146 9.78 -17.66 -38.09
N SER B 147 8.56 -18.19 -38.07
CA SER B 147 7.89 -18.72 -39.25
C SER B 147 7.52 -17.64 -40.24
N MET B 148 7.76 -17.94 -41.51
CA MET B 148 7.36 -17.09 -42.59
C MET B 148 5.84 -17.03 -42.69
N LYS B 149 5.32 -15.81 -42.84
CA LYS B 149 3.91 -15.55 -43.10
C LYS B 149 3.75 -15.04 -44.52
N LEU B 150 2.52 -15.09 -45.02
CA LEU B 150 2.12 -14.42 -46.27
C LEU B 150 1.88 -12.94 -46.03
N HIS B 151 2.21 -12.10 -47.00
CA HIS B 151 2.07 -10.65 -46.81
C HIS B 151 1.19 -9.93 -47.82
N MET C 1 -17.10 14.40 -16.70
CA MET C 1 -17.53 13.41 -17.76
C MET C 1 -17.45 11.95 -17.24
N ASN C 2 -16.25 11.49 -16.86
CA ASN C 2 -16.13 10.26 -16.05
C ASN C 2 -15.89 10.60 -14.58
N THR C 3 -16.81 10.21 -13.71
CA THR C 3 -16.74 10.50 -12.27
C THR C 3 -16.73 9.19 -11.47
N ILE C 4 -15.71 9.02 -10.65
CA ILE C 4 -15.61 7.88 -9.75
C ILE C 4 -16.09 8.34 -8.37
N SER C 5 -16.99 7.56 -7.80
CA SER C 5 -17.54 7.84 -6.50
C SER C 5 -17.83 6.51 -5.81
N ILE C 6 -18.24 6.61 -4.55
CA ILE C 6 -18.62 5.44 -3.77
C ILE C 6 -19.92 4.85 -4.35
N LEU C 7 -20.01 3.52 -4.38
CA LEU C 7 -21.24 2.83 -4.72
C LEU C 7 -22.05 2.70 -3.43
N SER C 8 -23.08 3.54 -3.30
CA SER C 8 -23.94 3.58 -2.12
C SER C 8 -25.16 2.66 -2.29
N THR C 9 -25.93 2.50 -1.24
CA THR C 9 -27.12 1.63 -1.23
C THR C 9 -28.07 1.95 -2.36
N THR C 10 -28.24 3.21 -2.64
CA THR C 10 -29.18 3.58 -3.68
C THR C 10 -28.63 3.40 -5.10
N ASP C 11 -27.32 3.17 -5.22
CA ASP C 11 -26.70 2.86 -6.53
C ASP C 11 -26.84 1.41 -6.91
N LEU C 12 -27.30 0.60 -5.98
CA LEU C 12 -27.22 -0.85 -6.15
C LEU C 12 -28.16 -1.43 -7.23
N PRO C 13 -29.42 -0.97 -7.31
CA PRO C 13 -30.30 -1.35 -8.43
C PRO C 13 -29.69 -1.11 -9.81
N ALA C 14 -29.02 0.04 -10.02
CA ALA C 14 -28.30 0.29 -11.27
C ALA C 14 -27.10 -0.66 -11.46
N ALA C 15 -26.28 -0.83 -10.43
CA ALA C 15 -25.15 -1.76 -10.46
C ALA C 15 -25.59 -3.20 -10.75
N TRP C 16 -26.69 -3.62 -10.13
CA TRP C 16 -27.30 -4.93 -10.37
C TRP C 16 -27.68 -5.19 -11.84
N GLN C 17 -28.16 -4.17 -12.55
CA GLN C 17 -28.45 -4.36 -13.96
C GLN C 17 -27.17 -4.58 -14.78
N ILE C 18 -26.10 -3.86 -14.43
CA ILE C 18 -24.83 -4.01 -15.10
C ILE C 18 -24.29 -5.42 -14.84
N GLU C 19 -24.31 -5.82 -13.59
CA GLU C 19 -24.01 -7.18 -13.21
C GLU C 19 -24.61 -8.23 -14.14
N GLN C 20 -25.92 -8.17 -14.33
CA GLN C 20 -26.60 -9.13 -15.17
C GLN C 20 -26.18 -9.06 -16.65
N ARG C 21 -25.81 -7.88 -17.14
CA ARG C 21 -25.47 -7.70 -18.55
C ARG C 21 -23.99 -8.01 -18.82
N ALA C 22 -23.12 -7.69 -17.86
CA ALA C 22 -21.67 -7.75 -18.09
C ALA C 22 -21.05 -9.16 -17.90
N HIS C 23 -21.45 -9.87 -16.84
CA HIS C 23 -20.80 -11.14 -16.48
C HIS C 23 -21.36 -12.31 -17.26
N ALA C 24 -20.48 -13.20 -17.68
CA ALA C 24 -20.93 -14.46 -18.25
C ALA C 24 -21.62 -15.30 -17.16
N PHE C 25 -21.16 -15.14 -15.92
CA PHE C 25 -21.70 -15.85 -14.77
C PHE C 25 -22.11 -14.85 -13.67
N PRO C 26 -23.24 -14.14 -13.87
CA PRO C 26 -23.58 -13.11 -12.88
C PRO C 26 -23.87 -13.70 -11.46
N TRP C 27 -23.69 -12.88 -10.44
CA TRP C 27 -24.06 -13.21 -9.07
C TRP C 27 -25.58 -13.37 -8.94
N SER C 28 -26.03 -14.17 -7.97
CA SER C 28 -27.43 -14.11 -7.55
C SER C 28 -27.69 -12.79 -6.80
N GLU C 29 -28.95 -12.42 -6.66
CA GLU C 29 -29.34 -11.22 -5.91
C GLU C 29 -28.82 -11.22 -4.46
N LYS C 30 -28.98 -12.35 -3.74
CA LYS C 30 -28.47 -12.48 -2.39
C LYS C 30 -26.96 -12.23 -2.31
N THR C 31 -26.20 -12.82 -3.24
CA THR C 31 -24.75 -12.56 -3.29
C THR C 31 -24.46 -11.10 -3.61
N PHE C 32 -25.10 -10.55 -4.63
CA PHE C 32 -24.87 -9.15 -4.99
C PHE C 32 -25.14 -8.17 -3.83
N PHE C 33 -26.34 -8.24 -3.25
CA PHE C 33 -26.71 -7.37 -2.15
C PHE C 33 -26.00 -7.68 -0.80
N GLY C 34 -25.49 -8.90 -0.63
CA GLY C 34 -24.71 -9.23 0.56
C GLY C 34 -23.28 -8.67 0.55
N ASN C 35 -22.73 -8.37 -0.63
CA ASN C 35 -21.38 -7.84 -0.71
C ASN C 35 -21.36 -6.31 -0.62
N GLN C 36 -21.85 -5.79 0.50
CA GLN C 36 -22.05 -4.35 0.75
C GLN C 36 -21.95 -4.16 2.25
N GLY C 37 -21.71 -2.91 2.66
CA GLY C 37 -21.73 -2.56 4.07
C GLY C 37 -20.33 -2.48 4.66
N GLU C 38 -20.20 -2.94 5.90
CA GLU C 38 -18.95 -2.79 6.63
C GLU C 38 -17.81 -3.54 5.99
N ARG C 39 -16.70 -2.82 5.80
CA ARG C 39 -15.46 -3.34 5.19
C ARG C 39 -15.48 -3.34 3.67
N TYR C 40 -16.60 -2.91 3.08
CA TYR C 40 -16.68 -2.84 1.62
C TYR C 40 -16.40 -1.45 1.14
N LEU C 41 -15.36 -1.36 0.32
CA LEU C 41 -14.99 -0.17 -0.44
C LEU C 41 -15.48 -0.35 -1.89
N ASN C 42 -16.78 -0.14 -2.09
CA ASN C 42 -17.40 -0.28 -3.39
C ASN C 42 -17.44 1.02 -4.18
N LEU C 43 -17.05 0.94 -5.44
CA LEU C 43 -16.95 2.13 -6.29
C LEU C 43 -17.87 2.08 -7.53
N LYS C 44 -18.35 3.25 -7.94
CA LYS C 44 -18.97 3.36 -9.26
C LYS C 44 -18.23 4.35 -10.16
N LEU C 45 -18.39 4.12 -11.47
CA LEU C 45 -17.94 5.04 -12.51
C LEU C 45 -19.16 5.47 -13.31
N THR C 46 -19.37 6.79 -13.34
CA THR C 46 -20.47 7.44 -14.01
C THR C 46 -19.90 8.16 -15.23
N ALA C 47 -20.44 7.83 -16.39
CA ALA C 47 -20.04 8.45 -17.64
C ALA C 47 -21.22 9.30 -18.06
N ASP C 48 -21.09 10.60 -17.79
CA ASP C 48 -22.16 11.55 -17.99
C ASP C 48 -23.35 11.26 -17.03
N ASP C 49 -24.55 11.06 -17.54
CA ASP C 49 -25.71 10.86 -16.62
C ASP C 49 -25.83 9.42 -16.10
N ARG C 50 -24.88 8.58 -16.49
CA ARG C 50 -25.12 7.14 -16.50
C ARG C 50 -24.03 6.39 -15.76
N MET C 51 -24.43 5.46 -14.91
CA MET C 51 -23.48 4.48 -14.37
C MET C 51 -22.96 3.55 -15.48
N ALA C 52 -21.63 3.55 -15.65
CA ALA C 52 -20.97 2.78 -16.68
C ALA C 52 -20.33 1.49 -16.14
N ALA C 53 -19.94 1.51 -14.85
CA ALA C 53 -19.09 0.48 -14.25
C ALA C 53 -19.23 0.51 -12.75
N PHE C 54 -18.84 -0.57 -12.09
CA PHE C 54 -18.78 -0.61 -10.65
C PHE C 54 -17.72 -1.61 -10.24
N ALA C 55 -17.22 -1.49 -9.00
CA ALA C 55 -16.22 -2.44 -8.45
C ALA C 55 -16.53 -2.71 -6.96
N ILE C 56 -16.44 -3.98 -6.55
CA ILE C 56 -16.79 -4.46 -5.18
C ILE C 56 -15.48 -4.97 -4.56
N THR C 57 -15.11 -4.42 -3.40
CA THR C 57 -13.83 -4.70 -2.76
C THR C 57 -14.05 -4.70 -1.28
N GLN C 58 -13.57 -5.75 -0.63
CA GLN C 58 -13.62 -5.87 0.80
C GLN C 58 -12.22 -5.65 1.37
N VAL C 59 -12.12 -4.77 2.38
CA VAL C 59 -10.85 -4.47 3.05
C VAL C 59 -10.82 -5.12 4.43
N VAL C 60 -9.81 -5.95 4.64
CA VAL C 60 -9.60 -6.65 5.87
C VAL C 60 -8.15 -6.44 6.30
N LEU C 61 -7.96 -5.63 7.35
CA LEU C 61 -6.62 -5.27 7.84
C LEU C 61 -5.84 -4.50 6.74
N ASP C 62 -4.64 -4.98 6.37
CA ASP C 62 -3.84 -4.34 5.33
C ASP C 62 -3.90 -5.09 4.00
N GLU C 63 -4.99 -5.83 3.79
CA GLU C 63 -5.21 -6.54 2.55
C GLU C 63 -6.62 -6.31 2.08
N ALA C 64 -6.82 -6.42 0.76
CA ALA C 64 -8.15 -6.29 0.15
C ALA C 64 -8.38 -7.38 -0.90
N THR C 65 -9.65 -7.64 -1.20
CA THR C 65 -10.01 -8.56 -2.25
C THR C 65 -10.98 -7.91 -3.18
N LEU C 66 -10.61 -7.82 -4.45
CA LEU C 66 -11.56 -7.43 -5.50
C LEU C 66 -12.50 -8.59 -5.80
N PHE C 67 -13.77 -8.44 -5.45
CA PHE C 67 -14.76 -9.50 -5.67
C PHE C 67 -15.43 -9.38 -7.03
N ASN C 68 -15.43 -8.18 -7.58
CA ASN C 68 -16.21 -7.87 -8.78
C ASN C 68 -15.77 -6.55 -9.36
N ILE C 69 -15.39 -6.60 -10.64
CA ILE C 69 -15.36 -5.42 -11.48
C ILE C 69 -16.27 -5.70 -12.70
N ALA C 70 -17.20 -4.79 -12.99
CA ALA C 70 -18.05 -4.90 -14.20
C ALA C 70 -18.24 -3.57 -14.90
N VAL C 71 -18.05 -3.59 -16.22
CA VAL C 71 -18.30 -2.46 -17.07
C VAL C 71 -19.44 -2.90 -17.98
N ASP C 72 -20.43 -2.02 -18.12
CA ASP C 72 -21.59 -2.31 -18.94
C ASP C 72 -21.10 -2.54 -20.37
N PRO C 73 -21.64 -3.58 -21.08
CA PRO C 73 -21.28 -3.82 -22.49
C PRO C 73 -21.28 -2.58 -23.43
N ASP C 74 -22.15 -1.59 -23.17
CA ASP C 74 -22.20 -0.35 -23.96
C ASP C 74 -20.99 0.57 -23.71
N PHE C 75 -20.28 0.33 -22.62
CA PHE C 75 -19.15 1.16 -22.22
C PHE C 75 -17.79 0.46 -22.26
N GLN C 76 -17.75 -0.78 -22.73
CA GLN C 76 -16.51 -1.57 -22.70
C GLN C 76 -15.48 -1.14 -23.77
N ARG C 77 -14.22 -1.56 -23.56
CA ARG C 77 -13.09 -1.20 -24.42
C ARG C 77 -12.92 0.32 -24.65
N ARG C 78 -13.10 1.12 -23.59
CA ARG C 78 -12.86 2.57 -23.60
C ARG C 78 -11.93 3.00 -22.47
N GLY C 79 -11.33 2.01 -21.79
CA GLY C 79 -10.43 2.27 -20.67
C GLY C 79 -11.11 2.61 -19.35
N LEU C 80 -12.42 2.39 -19.26
CA LEU C 80 -13.17 2.71 -18.04
C LEU C 80 -12.88 1.74 -16.90
N GLY C 81 -12.80 0.44 -17.22
CA GLY C 81 -12.46 -0.59 -16.25
C GLY C 81 -11.06 -0.38 -15.68
N ARG C 82 -10.09 -0.05 -16.54
CA ARG C 82 -8.77 0.31 -16.07
C ARG C 82 -8.78 1.52 -15.16
N MET C 83 -9.46 2.58 -15.60
CA MET C 83 -9.61 3.81 -14.83
C MET C 83 -10.17 3.55 -13.41
N LEU C 84 -11.21 2.75 -13.32
CA LEU C 84 -11.82 2.47 -12.04
C LEU C 84 -10.88 1.68 -11.07
N LEU C 85 -10.16 0.72 -11.65
CA LEU C 85 -9.22 -0.09 -10.92
C LEU C 85 -8.00 0.72 -10.42
N GLU C 86 -7.46 1.60 -11.26
CA GLU C 86 -6.43 2.56 -10.83
C GLU C 86 -6.88 3.47 -9.70
N HIS C 87 -8.12 3.95 -9.74
CA HIS C 87 -8.66 4.77 -8.67
C HIS C 87 -8.77 3.92 -7.39
N LEU C 88 -9.33 2.72 -7.53
CA LEU C 88 -9.36 1.74 -6.44
C LEU C 88 -8.01 1.52 -5.78
N ILE C 89 -6.98 1.22 -6.60
CA ILE C 89 -5.64 0.90 -6.12
C ILE C 89 -5.00 2.08 -5.33
N ASP C 90 -5.17 3.30 -5.83
CA ASP C 90 -4.74 4.50 -5.15
C ASP C 90 -5.44 4.69 -3.82
N GLU C 91 -6.75 4.49 -3.86
CA GLU C 91 -7.54 4.52 -2.65
C GLU C 91 -7.05 3.48 -1.61
N LEU C 92 -6.72 2.27 -2.04
CA LEU C 92 -6.21 1.23 -1.16
C LEU C 92 -4.86 1.59 -0.56
N GLU C 93 -3.94 2.16 -1.34
CA GLU C 93 -2.70 2.50 -0.68
C GLU C 93 -2.82 3.53 0.44
N THR C 94 -3.71 4.53 0.28
CA THR C 94 -3.92 5.54 1.34
C THR C 94 -4.52 4.90 2.58
N ARG C 95 -5.19 3.76 2.40
CA ARG C 95 -5.79 2.99 3.49
C ARG C 95 -4.79 2.00 4.10
N GLY C 96 -3.56 1.97 3.58
CA GLY C 96 -2.51 1.10 4.09
C GLY C 96 -2.64 -0.36 3.67
N VAL C 97 -3.43 -0.58 2.64
CA VAL C 97 -3.58 -1.91 2.03
C VAL C 97 -2.37 -2.23 1.13
N VAL C 98 -1.71 -3.36 1.40
CA VAL C 98 -0.45 -3.75 0.77
C VAL C 98 -0.62 -4.79 -0.34
N THR C 99 -1.75 -5.51 -0.34
CA THR C 99 -2.01 -6.55 -1.35
C THR C 99 -3.46 -6.49 -1.72
N LEU C 100 -3.74 -6.56 -3.03
CA LEU C 100 -5.10 -6.67 -3.53
C LEU C 100 -5.21 -8.02 -4.21
N TRP C 101 -6.13 -8.87 -3.75
CA TRP C 101 -6.28 -10.22 -4.26
C TRP C 101 -7.50 -10.27 -5.17
N LEU C 102 -7.50 -11.21 -6.12
CA LEU C 102 -8.71 -11.54 -6.84
C LEU C 102 -8.64 -12.99 -7.30
N GLU C 103 -9.77 -13.44 -7.83
CA GLU C 103 -10.01 -14.74 -8.39
C GLU C 103 -10.70 -14.51 -9.74
N VAL C 104 -10.32 -15.22 -10.78
CA VAL C 104 -10.85 -14.98 -12.12
C VAL C 104 -10.85 -16.36 -12.80
N ARG C 105 -11.93 -16.71 -13.50
CA ARG C 105 -11.91 -17.92 -14.33
C ARG C 105 -10.83 -17.79 -15.41
N ALA C 106 -10.09 -18.88 -15.63
CA ALA C 106 -9.01 -18.94 -16.63
C ALA C 106 -9.35 -18.53 -18.09
N SER C 107 -10.62 -18.67 -18.49
CA SER C 107 -11.04 -18.37 -19.86
C SER C 107 -11.52 -16.91 -20.07
N ASN C 108 -11.48 -16.10 -19.02
CA ASN C 108 -11.79 -14.66 -19.06
C ASN C 108 -10.57 -13.85 -19.52
N ALA C 109 -10.32 -13.90 -20.83
CA ALA C 109 -9.14 -13.27 -21.43
C ALA C 109 -9.13 -11.75 -21.30
N ALA C 110 -10.28 -11.10 -21.40
CA ALA C 110 -10.40 -9.65 -21.17
C ALA C 110 -9.99 -9.20 -19.75
N ALA C 111 -10.55 -9.84 -18.73
CA ALA C 111 -10.22 -9.54 -17.34
C ALA C 111 -8.74 -9.83 -17.01
N ILE C 112 -8.27 -11.01 -17.40
CA ILE C 112 -6.88 -11.40 -17.17
C ILE C 112 -5.92 -10.36 -17.77
N ALA C 113 -6.19 -9.87 -18.97
CA ALA C 113 -5.32 -8.88 -19.59
C ALA C 113 -5.37 -7.54 -18.87
N LEU C 114 -6.58 -7.11 -18.50
CA LEU C 114 -6.74 -5.95 -17.59
C LEU C 114 -5.89 -6.08 -16.30
N TYR C 115 -6.00 -7.21 -15.62
CA TYR C 115 -5.30 -7.44 -14.37
C TYR C 115 -3.80 -7.44 -14.52
N GLU C 116 -3.32 -8.13 -15.53
CA GLU C 116 -1.89 -8.28 -15.78
C GLU C 116 -1.22 -6.96 -16.09
N SER C 117 -1.95 -6.09 -16.80
CA SER C 117 -1.47 -4.76 -17.20
C SER C 117 -1.35 -3.76 -16.02
N LEU C 118 -2.08 -4.04 -14.95
CA LEU C 118 -2.05 -3.30 -13.70
C LEU C 118 -0.97 -3.85 -12.75
N GLY C 119 -0.45 -5.03 -13.05
CA GLY C 119 0.61 -5.59 -12.26
C GLY C 119 0.17 -6.73 -11.38
N PHE C 120 -1.05 -7.22 -11.54
CA PHE C 120 -1.48 -8.44 -10.86
C PHE C 120 -0.65 -9.63 -11.36
N ASN C 121 -0.24 -10.46 -10.43
CA ASN C 121 0.51 -11.65 -10.75
C ASN C 121 -0.26 -12.86 -10.30
N GLU C 122 -0.05 -13.97 -11.00
CA GLU C 122 -0.71 -15.20 -10.70
C GLU C 122 -0.10 -15.75 -9.39
N ALA C 123 -0.97 -16.06 -8.43
CA ALA C 123 -0.51 -16.62 -7.17
C ALA C 123 -0.60 -18.14 -7.23
N THR C 124 -1.73 -18.62 -7.76
CA THR C 124 -1.98 -20.06 -7.88
C THR C 124 -3.19 -20.29 -8.83
N ILE C 125 -3.34 -21.52 -9.27
CA ILE C 125 -4.45 -21.91 -10.15
C ILE C 125 -5.20 -23.02 -9.43
N ARG C 126 -6.51 -22.86 -9.23
CA ARG C 126 -7.31 -23.95 -8.71
C ARG C 126 -7.95 -24.61 -9.92
N ARG C 127 -7.42 -25.77 -10.30
CA ARG C 127 -7.91 -26.55 -11.43
C ARG C 127 -9.36 -26.96 -11.23
N ASN C 128 -10.16 -26.79 -12.27
CA ASN C 128 -11.55 -27.28 -12.26
C ASN C 128 -12.38 -26.77 -11.08
N TYR C 129 -12.14 -25.54 -10.69
CA TYR C 129 -12.72 -24.99 -9.49
C TYR C 129 -14.16 -24.54 -9.68
N TYR C 130 -14.46 -23.93 -10.81
CA TYR C 130 -15.78 -23.41 -11.09
C TYR C 130 -16.63 -24.43 -11.84
N PRO C 131 -17.75 -24.87 -11.23
CA PRO C 131 -18.68 -25.72 -11.96
C PRO C 131 -19.56 -24.87 -12.88
N THR C 132 -19.73 -25.28 -14.12
CA THR C 132 -20.58 -24.54 -15.08
C THR C 132 -21.48 -25.55 -15.81
N ALA C 133 -22.46 -25.03 -16.57
CA ALA C 133 -23.27 -25.84 -17.48
C ALA C 133 -22.43 -26.72 -18.40
N GLN C 134 -21.29 -26.18 -18.87
CA GLN C 134 -20.45 -26.91 -19.80
C GLN C 134 -19.26 -27.64 -19.17
N GLY C 135 -19.32 -27.92 -17.88
CA GLY C 135 -18.23 -28.61 -17.18
C GLY C 135 -17.60 -27.71 -16.12
N HIS C 136 -16.37 -28.06 -15.73
CA HIS C 136 -15.64 -27.35 -14.68
C HIS C 136 -14.55 -26.48 -15.28
N GLU C 137 -14.26 -25.38 -14.62
CA GLU C 137 -13.34 -24.39 -15.15
C GLU C 137 -12.32 -23.99 -14.10
N ASP C 138 -11.07 -23.77 -14.51
CA ASP C 138 -9.99 -23.28 -13.62
C ASP C 138 -10.25 -21.88 -13.16
N ALA C 139 -9.86 -21.61 -11.91
CA ALA C 139 -9.82 -20.26 -11.35
C ALA C 139 -8.37 -19.87 -11.10
N ILE C 140 -8.02 -18.65 -11.52
CA ILE C 140 -6.67 -18.12 -11.29
C ILE C 140 -6.76 -17.15 -10.11
N ILE C 141 -5.94 -17.39 -9.10
CA ILE C 141 -5.77 -16.43 -8.00
C ILE C 141 -4.60 -15.50 -8.39
N MET C 142 -4.86 -14.20 -8.30
CA MET C 142 -3.87 -13.19 -8.60
C MET C 142 -3.75 -12.22 -7.43
N ALA C 143 -2.56 -11.65 -7.26
CA ALA C 143 -2.31 -10.68 -6.22
C ALA C 143 -1.58 -9.47 -6.82
N LEU C 144 -2.00 -8.28 -6.41
CA LEU C 144 -1.32 -7.05 -6.74
C LEU C 144 -0.54 -6.51 -5.51
N PRO C 145 0.81 -6.54 -5.53
CA PRO C 145 1.43 -5.86 -4.39
C PRO C 145 1.17 -4.34 -4.53
N ILE C 146 0.86 -3.70 -3.41
CA ILE C 146 0.65 -2.25 -3.43
C ILE C 146 1.69 -1.62 -2.52
N SER C 147 2.49 -0.78 -3.14
CA SER C 147 3.65 -0.21 -2.54
C SER C 147 3.27 1.08 -1.76
N MET C 148 3.74 1.19 -0.53
CA MET C 148 3.46 2.32 0.35
C MET C 148 4.06 3.64 -0.14
N LYS C 149 3.24 4.68 -0.13
CA LYS C 149 3.66 6.02 -0.52
C LYS C 149 3.77 6.93 0.68
N LEU C 150 4.48 8.04 0.53
CA LEU C 150 4.39 9.15 1.47
C LEU C 150 3.06 9.90 1.30
N HIS C 151 2.55 10.45 2.39
CA HIS C 151 1.30 11.23 2.35
C HIS C 151 1.48 12.64 2.92
N MET D 1 17.29 21.25 -1.52
CA MET D 1 17.73 21.21 -0.10
C MET D 1 17.86 19.74 0.37
N ASN D 2 17.19 19.43 1.47
CA ASN D 2 17.01 18.08 1.93
C ASN D 2 15.61 17.62 1.51
N THR D 3 15.54 16.54 0.74
CA THR D 3 14.28 15.98 0.29
C THR D 3 14.09 14.57 0.85
N ILE D 4 12.92 14.35 1.44
CA ILE D 4 12.54 13.05 1.97
C ILE D 4 11.51 12.41 1.02
N SER D 5 11.80 11.19 0.62
CA SER D 5 11.00 10.44 -0.33
C SER D 5 11.08 8.96 0.05
N ILE D 6 10.27 8.15 -0.62
CA ILE D 6 10.27 6.70 -0.45
C ILE D 6 11.62 6.14 -0.93
N LEU D 7 12.12 5.13 -0.25
CA LEU D 7 13.29 4.41 -0.69
C LEU D 7 12.82 3.31 -1.63
N SER D 8 13.06 3.48 -2.92
CA SER D 8 12.60 2.51 -3.93
C SER D 8 13.72 1.58 -4.36
N THR D 9 13.37 0.54 -5.11
CA THR D 9 14.32 -0.45 -5.59
C THR D 9 15.63 0.13 -6.11
N THR D 10 15.54 1.16 -6.95
CA THR D 10 16.69 1.71 -7.61
C THR D 10 17.53 2.56 -6.65
N ASP D 11 16.96 2.91 -5.50
CA ASP D 11 17.68 3.63 -4.46
C ASP D 11 18.56 2.69 -3.63
N LEU D 12 18.32 1.40 -3.77
CA LEU D 12 18.91 0.42 -2.84
C LEU D 12 20.42 0.29 -2.94
N PRO D 13 21.01 0.29 -4.15
CA PRO D 13 22.48 0.25 -4.20
C PRO D 13 23.17 1.41 -3.44
N ALA D 14 22.65 2.63 -3.58
CA ALA D 14 23.18 3.79 -2.86
C ALA D 14 22.96 3.64 -1.35
N ALA D 15 21.80 3.11 -0.95
CA ALA D 15 21.52 2.85 0.47
C ALA D 15 22.47 1.81 1.05
N TRP D 16 22.79 0.79 0.24
CA TRP D 16 23.67 -0.28 0.63
C TRP D 16 25.09 0.22 0.88
N GLN D 17 25.54 1.19 0.07
CA GLN D 17 26.82 1.82 0.32
C GLN D 17 26.79 2.56 1.65
N ILE D 18 25.72 3.31 1.93
CA ILE D 18 25.62 4.00 3.24
C ILE D 18 25.64 3.02 4.43
N GLU D 19 25.01 1.87 4.25
CA GLU D 19 24.98 0.81 5.24
C GLU D 19 26.39 0.30 5.61
N GLN D 20 27.26 0.08 4.63
CA GLN D 20 28.63 -0.42 4.91
C GLN D 20 29.47 0.60 5.66
N ARG D 21 29.23 1.87 5.36
CA ARG D 21 30.06 2.97 5.83
C ARG D 21 29.59 3.45 7.21
N ALA D 22 28.27 3.43 7.43
CA ALA D 22 27.70 4.04 8.61
C ALA D 22 27.66 3.09 9.81
N HIS D 23 27.21 1.87 9.59
CA HIS D 23 27.06 0.89 10.67
C HIS D 23 28.37 0.27 11.15
N ALA D 24 28.55 0.23 12.46
CA ALA D 24 29.70 -0.46 13.06
C ALA D 24 29.57 -1.99 12.86
N PHE D 25 28.32 -2.46 12.81
CA PHE D 25 27.97 -3.84 12.52
C PHE D 25 27.00 -3.86 11.33
N PRO D 26 27.53 -3.68 10.11
CA PRO D 26 26.59 -3.68 8.98
C PRO D 26 25.84 -5.01 8.80
N TRP D 27 24.62 -4.91 8.27
CA TRP D 27 23.86 -6.05 7.84
C TRP D 27 24.57 -6.75 6.70
N SER D 28 24.33 -8.06 6.58
CA SER D 28 24.65 -8.81 5.38
C SER D 28 23.78 -8.28 4.25
N GLU D 29 24.18 -8.57 3.01
CA GLU D 29 23.43 -8.18 1.81
C GLU D 29 22.02 -8.75 1.77
N LYS D 30 21.85 -10.04 2.10
CA LYS D 30 20.53 -10.68 2.16
C LYS D 30 19.57 -10.05 3.17
N THR D 31 20.10 -9.68 4.34
CA THR D 31 19.31 -8.97 5.32
C THR D 31 18.89 -7.63 4.75
N PHE D 32 19.83 -6.91 4.14
CA PHE D 32 19.53 -5.57 3.62
C PHE D 32 18.43 -5.61 2.54
N PHE D 33 18.61 -6.49 1.57
CA PHE D 33 17.69 -6.66 0.45
C PHE D 33 16.38 -7.37 0.82
N GLY D 34 16.38 -8.10 1.93
CA GLY D 34 15.17 -8.78 2.43
C GLY D 34 14.21 -7.84 3.14
N ASN D 35 14.75 -6.74 3.67
CA ASN D 35 13.99 -5.72 4.36
C ASN D 35 13.43 -4.63 3.46
N GLN D 36 12.61 -5.05 2.50
CA GLN D 36 12.09 -4.19 1.45
C GLN D 36 10.81 -4.87 0.98
N GLY D 37 9.92 -4.11 0.32
CA GLY D 37 8.70 -4.70 -0.21
C GLY D 37 7.49 -4.51 0.71
N GLU D 38 6.56 -5.45 0.64
CA GLU D 38 5.30 -5.36 1.37
C GLU D 38 5.43 -5.11 2.88
N ARG D 39 4.64 -4.13 3.33
CA ARG D 39 4.66 -3.71 4.74
C ARG D 39 5.86 -2.85 5.12
N TYR D 40 6.77 -2.61 4.17
CA TYR D 40 7.87 -1.70 4.41
C TYR D 40 7.58 -0.28 3.99
N LEU D 41 7.74 0.60 4.96
CA LEU D 41 7.75 2.02 4.73
C LEU D 41 9.21 2.47 4.89
N ASN D 42 9.94 2.38 3.78
CA ASN D 42 11.33 2.75 3.75
C ASN D 42 11.50 4.12 3.12
N LEU D 43 12.38 4.94 3.71
CA LEU D 43 12.51 6.34 3.31
C LEU D 43 13.96 6.65 3.08
N LYS D 44 14.23 7.63 2.21
CA LYS D 44 15.55 8.19 2.07
C LYS D 44 15.46 9.70 2.28
N LEU D 45 16.58 10.31 2.69
CA LEU D 45 16.72 11.73 2.68
C LEU D 45 17.86 12.01 1.72
N THR D 46 17.61 12.85 0.71
CA THR D 46 18.68 13.27 -0.17
C THR D 46 18.99 14.74 0.04
N ALA D 47 20.27 15.04 0.22
CA ALA D 47 20.74 16.39 0.43
C ALA D 47 21.40 16.81 -0.85
N ASP D 48 20.73 17.71 -1.57
CA ASP D 48 21.01 18.02 -2.98
C ASP D 48 20.94 16.77 -3.87
N ASP D 49 22.01 16.42 -4.57
CA ASP D 49 21.96 15.26 -5.47
C ASP D 49 22.69 14.04 -4.88
N ARG D 50 22.53 13.86 -3.57
CA ARG D 50 23.13 12.70 -2.88
C ARG D 50 22.20 12.11 -1.85
N MET D 51 22.14 10.79 -1.80
CA MET D 51 21.47 10.15 -0.68
C MET D 51 22.32 10.40 0.57
N ALA D 52 21.73 11.09 1.55
CA ALA D 52 22.44 11.40 2.79
C ALA D 52 22.11 10.38 3.87
N ALA D 53 20.90 9.82 3.80
CA ALA D 53 20.35 8.99 4.87
C ALA D 53 19.24 8.10 4.34
N PHE D 54 18.98 7.01 5.04
CA PHE D 54 17.82 6.16 4.73
C PHE D 54 17.31 5.53 6.06
N ALA D 55 16.06 5.10 6.07
CA ALA D 55 15.49 4.41 7.24
C ALA D 55 14.59 3.27 6.73
N ILE D 56 14.69 2.12 7.39
CA ILE D 56 13.96 0.92 7.04
C ILE D 56 12.97 0.67 8.18
N THR D 57 11.68 0.62 7.87
CA THR D 57 10.63 0.42 8.86
C THR D 57 9.56 -0.51 8.32
N GLN D 58 9.11 -1.45 9.15
CA GLN D 58 8.02 -2.34 8.80
C GLN D 58 6.78 -2.02 9.60
N VAL D 59 5.66 -1.86 8.89
CA VAL D 59 4.36 -1.61 9.50
C VAL D 59 3.50 -2.90 9.59
N VAL D 60 3.04 -3.21 10.80
CA VAL D 60 2.23 -4.40 11.06
C VAL D 60 1.11 -3.98 12.01
N LEU D 61 -0.11 -4.07 11.50
CA LEU D 61 -1.34 -3.61 12.18
C LEU D 61 -1.17 -2.16 12.56
N ASP D 62 -1.28 -1.85 13.86
CA ASP D 62 -1.13 -0.46 14.34
C ASP D 62 0.23 -0.23 15.03
N GLU D 63 1.22 -1.06 14.70
CA GLU D 63 2.56 -0.93 15.25
C GLU D 63 3.59 -1.01 14.12
N ALA D 64 4.79 -0.48 14.38
CA ALA D 64 5.87 -0.51 13.42
C ALA D 64 7.18 -0.77 14.13
N THR D 65 8.14 -1.34 13.40
CA THR D 65 9.52 -1.50 13.87
C THR D 65 10.50 -0.76 12.96
N LEU D 66 11.29 0.12 13.57
CA LEU D 66 12.45 0.75 12.91
C LEU D 66 13.61 -0.22 12.93
N PHE D 67 13.91 -0.80 11.77
CA PHE D 67 14.93 -1.84 11.73
C PHE D 67 16.27 -1.22 11.46
N ASN D 68 16.28 -0.07 10.81
CA ASN D 68 17.53 0.57 10.42
C ASN D 68 17.34 2.07 10.19
N ILE D 69 18.18 2.88 10.83
CA ILE D 69 18.41 4.23 10.37
C ILE D 69 19.93 4.39 10.19
N ALA D 70 20.36 4.93 9.04
CA ALA D 70 21.76 5.26 8.81
C ALA D 70 21.89 6.62 8.15
N VAL D 71 22.89 7.38 8.61
CA VAL D 71 23.28 8.61 7.95
C VAL D 71 24.71 8.41 7.46
N ASP D 72 24.98 8.78 6.21
CA ASP D 72 26.33 8.68 5.72
C ASP D 72 27.25 9.47 6.63
N PRO D 73 28.42 8.87 6.99
CA PRO D 73 29.43 9.57 7.81
C PRO D 73 29.71 11.03 7.40
N ASP D 74 29.70 11.30 6.10
CA ASP D 74 29.90 12.65 5.58
C ASP D 74 28.81 13.66 5.98
N PHE D 75 27.62 13.17 6.32
CA PHE D 75 26.48 14.02 6.64
C PHE D 75 26.07 14.05 8.12
N GLN D 76 26.83 13.36 8.96
CA GLN D 76 26.44 13.11 10.35
C GLN D 76 26.59 14.34 11.24
N ARG D 77 25.86 14.38 12.36
CA ARG D 77 25.88 15.49 13.32
C ARG D 77 25.42 16.83 12.70
N ARG D 78 24.39 16.75 11.86
CA ARG D 78 23.99 17.83 10.99
C ARG D 78 22.47 17.91 11.01
N GLY D 79 21.85 17.09 11.87
CA GLY D 79 20.39 17.09 12.06
C GLY D 79 19.57 16.24 11.09
N LEU D 80 20.24 15.61 10.13
CA LEU D 80 19.55 14.80 9.13
C LEU D 80 18.89 13.51 9.65
N GLY D 81 19.54 12.79 10.56
CA GLY D 81 18.92 11.59 11.16
C GLY D 81 17.62 11.90 11.87
N ARG D 82 17.65 12.97 12.68
CA ARG D 82 16.48 13.46 13.38
C ARG D 82 15.36 13.91 12.43
N MET D 83 15.72 14.71 11.43
CA MET D 83 14.79 15.12 10.41
C MET D 83 14.09 13.93 9.75
N LEU D 84 14.87 12.95 9.27
CA LEU D 84 14.33 11.76 8.64
C LEU D 84 13.34 11.01 9.54
N LEU D 85 13.73 10.80 10.79
CA LEU D 85 12.90 10.10 11.76
C LEU D 85 11.60 10.84 12.11
N GLU D 86 11.70 12.16 12.25
CA GLU D 86 10.55 13.00 12.52
C GLU D 86 9.51 12.88 11.42
N HIS D 87 9.96 12.89 10.17
CA HIS D 87 9.10 12.63 9.00
C HIS D 87 8.53 11.22 8.99
N LEU D 88 9.34 10.24 9.35
CA LEU D 88 8.85 8.90 9.47
C LEU D 88 7.69 8.82 10.48
N ILE D 89 7.90 9.41 11.66
CA ILE D 89 6.94 9.45 12.74
C ILE D 89 5.63 10.12 12.34
N ASP D 90 5.72 11.23 11.62
CA ASP D 90 4.52 11.90 11.11
C ASP D 90 3.78 11.02 10.13
N GLU D 91 4.52 10.38 9.24
CA GLU D 91 3.97 9.42 8.27
C GLU D 91 3.28 8.26 8.97
N LEU D 92 3.87 7.80 10.05
CA LEU D 92 3.36 6.66 10.78
C LEU D 92 2.06 7.00 11.50
N GLU D 93 1.99 8.21 12.03
CA GLU D 93 0.80 8.69 12.68
C GLU D 93 -0.36 8.71 11.69
N THR D 94 -0.14 9.27 10.49
CA THR D 94 -1.20 9.34 9.47
C THR D 94 -1.68 7.94 9.14
N ARG D 95 -0.80 6.94 9.30
CA ARG D 95 -1.14 5.55 8.98
C ARG D 95 -1.80 4.81 10.15
N GLY D 96 -1.97 5.50 11.28
CA GLY D 96 -2.65 4.94 12.44
C GLY D 96 -1.78 4.05 13.31
N VAL D 97 -0.47 4.12 13.12
CA VAL D 97 0.50 3.41 13.95
C VAL D 97 0.74 4.19 15.27
N VAL D 98 0.63 3.48 16.39
CA VAL D 98 0.58 4.08 17.72
C VAL D 98 1.88 3.85 18.52
N THR D 99 2.68 2.86 18.10
CA THR D 99 3.98 2.53 18.71
C THR D 99 5.03 2.23 17.63
N LEU D 100 6.20 2.86 17.76
CA LEU D 100 7.34 2.54 16.94
C LEU D 100 8.38 1.85 17.83
N TRP D 101 8.78 0.64 17.45
CA TRP D 101 9.75 -0.15 18.19
C TRP D 101 11.12 -0.15 17.51
N LEU D 102 12.16 -0.35 18.31
CA LEU D 102 13.49 -0.59 17.81
C LEU D 102 14.29 -1.34 18.87
N GLU D 103 15.40 -1.91 18.44
CA GLU D 103 16.40 -2.41 19.34
C GLU D 103 17.73 -1.79 18.92
N VAL D 104 18.58 -1.50 19.91
CA VAL D 104 19.86 -0.82 19.68
C VAL D 104 20.90 -1.41 20.62
N ARG D 105 22.12 -1.65 20.14
CA ARG D 105 23.17 -2.06 21.06
C ARG D 105 23.46 -0.95 22.07
N ALA D 106 23.50 -1.33 23.34
CA ALA D 106 23.77 -0.44 24.49
C ALA D 106 24.97 0.53 24.36
N SER D 107 25.90 0.21 23.47
CA SER D 107 27.11 1.00 23.30
C SER D 107 27.02 2.00 22.15
N ASN D 108 25.97 1.93 21.34
CA ASN D 108 25.69 2.94 20.32
C ASN D 108 25.16 4.24 20.97
N ALA D 109 26.07 5.05 21.52
CA ALA D 109 25.69 6.28 22.22
C ALA D 109 25.00 7.32 21.31
N ALA D 110 25.45 7.43 20.06
CA ALA D 110 24.87 8.34 19.06
C ALA D 110 23.39 8.01 18.76
N ALA D 111 23.12 6.74 18.50
CA ALA D 111 21.76 6.26 18.24
C ALA D 111 20.86 6.41 19.47
N ILE D 112 21.33 5.97 20.63
CA ILE D 112 20.54 6.08 21.87
C ILE D 112 20.11 7.55 22.10
N ALA D 113 21.05 8.48 21.88
CA ALA D 113 20.78 9.89 22.09
C ALA D 113 19.79 10.44 21.05
N LEU D 114 19.89 10.01 19.80
CA LEU D 114 18.90 10.36 18.77
C LEU D 114 17.49 9.93 19.17
N TYR D 115 17.38 8.69 19.64
CA TYR D 115 16.11 8.08 20.04
C TYR D 115 15.53 8.68 21.29
N GLU D 116 16.37 8.92 22.28
CA GLU D 116 15.92 9.59 23.50
C GLU D 116 15.40 11.03 23.25
N SER D 117 16.07 11.74 22.34
CA SER D 117 15.66 13.09 21.97
C SER D 117 14.33 13.08 21.20
N LEU D 118 13.95 11.95 20.60
CA LEU D 118 12.67 11.83 19.92
C LEU D 118 11.55 11.30 20.82
N GLY D 119 11.85 11.03 22.09
CA GLY D 119 10.83 10.53 23.03
C GLY D 119 10.80 9.01 23.20
N PHE D 120 11.66 8.29 22.51
CA PHE D 120 11.76 6.84 22.72
C PHE D 120 11.96 6.48 24.18
N ASN D 121 11.20 5.50 24.66
CA ASN D 121 11.41 4.97 26.01
C ASN D 121 12.09 3.61 25.97
N GLU D 122 12.87 3.34 26.99
CA GLU D 122 13.50 2.05 27.19
C GLU D 122 12.45 1.06 27.70
N ALA D 123 12.26 -0.02 26.94
CA ALA D 123 11.27 -1.06 27.26
C ALA D 123 11.90 -2.23 28.01
N THR D 124 13.06 -2.69 27.56
CA THR D 124 13.77 -3.76 28.23
C THR D 124 15.22 -3.85 27.74
N ILE D 125 16.07 -4.49 28.54
CA ILE D 125 17.46 -4.71 28.14
C ILE D 125 17.68 -6.22 28.03
N ARG D 126 17.98 -6.71 26.84
CA ARG D 126 18.42 -8.09 26.68
C ARG D 126 19.91 -8.09 26.91
N ARG D 127 20.35 -8.62 28.05
CA ARG D 127 21.78 -8.62 28.39
C ARG D 127 22.56 -9.63 27.54
N ASN D 128 23.80 -9.26 27.18
CA ASN D 128 24.68 -10.06 26.33
C ASN D 128 24.02 -10.70 25.09
N TYR D 129 23.15 -9.94 24.43
CA TYR D 129 22.28 -10.46 23.38
C TYR D 129 22.96 -10.50 22.00
N TYR D 130 23.90 -9.60 21.75
CA TYR D 130 24.62 -9.57 20.48
C TYR D 130 25.99 -10.20 20.61
N PRO D 131 26.25 -11.28 19.85
CA PRO D 131 27.64 -11.75 19.88
C PRO D 131 28.51 -10.91 18.93
N THR D 132 29.74 -10.61 19.36
CA THR D 132 30.67 -9.83 18.53
C THR D 132 32.01 -10.53 18.66
N ALA D 133 33.01 -10.11 17.86
CA ALA D 133 34.39 -10.55 18.01
C ALA D 133 34.94 -10.31 19.42
N GLN D 134 34.44 -9.25 20.05
CA GLN D 134 34.79 -8.85 21.43
C GLN D 134 34.13 -9.68 22.54
N GLY D 135 33.08 -10.43 22.20
CA GLY D 135 32.27 -11.13 23.17
C GLY D 135 30.86 -10.62 23.00
N HIS D 136 29.96 -10.99 23.91
CA HIS D 136 28.56 -10.59 23.82
C HIS D 136 28.31 -9.17 24.28
N GLU D 137 27.09 -8.68 24.06
CA GLU D 137 26.81 -7.26 24.29
C GLU D 137 25.31 -6.92 24.33
N ASP D 138 24.92 -6.03 25.26
CA ASP D 138 23.51 -5.72 25.57
C ASP D 138 22.82 -5.08 24.40
N ALA D 139 21.58 -5.52 24.17
CA ALA D 139 20.63 -4.89 23.27
C ALA D 139 19.60 -4.15 24.12
N ILE D 140 19.31 -2.91 23.74
CA ILE D 140 18.26 -2.14 24.37
C ILE D 140 17.01 -2.15 23.49
N ILE D 141 15.87 -2.49 24.07
CA ILE D 141 14.61 -2.35 23.32
C ILE D 141 13.89 -1.09 23.75
N MET D 142 13.62 -0.24 22.77
CA MET D 142 12.91 1.03 22.97
C MET D 142 11.59 1.06 22.18
N ALA D 143 10.63 1.81 22.71
CA ALA D 143 9.32 2.03 22.11
C ALA D 143 9.03 3.52 22.15
N LEU D 144 8.52 4.05 21.05
CA LEU D 144 8.06 5.42 20.98
C LEU D 144 6.55 5.41 20.79
N PRO D 145 5.80 5.92 21.80
CA PRO D 145 4.37 6.15 21.67
C PRO D 145 4.11 7.25 20.64
N ILE D 146 3.18 7.02 19.71
CA ILE D 146 2.84 8.05 18.75
C ILE D 146 1.40 8.45 18.98
N SER D 147 1.18 9.61 19.57
CA SER D 147 -0.20 9.94 19.90
C SER D 147 -0.99 10.38 18.66
N MET D 148 -2.27 10.02 18.65
CA MET D 148 -3.14 10.28 17.51
C MET D 148 -3.46 11.77 17.33
N LYS D 149 -3.47 12.22 16.08
CA LYS D 149 -3.94 13.56 15.73
C LYS D 149 -5.28 13.56 14.98
N LEU D 150 -5.84 14.75 14.87
CA LEU D 150 -6.97 15.04 14.02
C LEU D 150 -6.46 15.19 12.56
N HIS D 151 -7.24 14.70 11.61
CA HIS D 151 -6.81 14.71 10.21
C HIS D 151 -7.82 15.42 9.30
N1A COA E . -33.79 14.44 26.99
C2A COA E . -34.24 13.93 25.85
N3A COA E . -33.57 14.08 24.71
C4A COA E . -32.38 14.74 24.68
C5A COA E . -31.88 15.28 25.86
C6A COA E . -32.63 15.11 27.03
N6A COA E . -32.18 15.61 28.18
N7A COA E . -30.72 15.87 25.57
C8A COA E . -30.50 15.70 24.27
N9A COA E . -31.50 15.01 23.74
C1B COA E . -31.62 14.64 22.31
C2B COA E . -31.62 15.95 21.49
O2B COA E . -32.91 16.60 21.35
C3B COA E . -30.99 15.48 20.17
O3B COA E . -31.91 14.64 19.46
P3B COA E . -32.90 15.33 18.37
O7A COA E . -32.35 16.90 18.13
O8A COA E . -34.34 15.46 19.18
O9A COA E . -32.99 14.50 17.12
C4B COA E . -29.88 14.58 20.68
O4B COA E . -30.35 14.03 21.96
C5B COA E . -28.50 15.24 20.80
O5B COA E . -28.56 16.67 20.85
P1A COA E . -27.35 17.54 21.47
O1A COA E . -26.27 17.39 20.46
O2A COA E . -27.79 18.91 21.83
O3A COA E . -27.01 16.77 22.89
P2A COA E . -25.94 17.33 24.01
O4A COA E . -24.97 18.28 23.39
O5A COA E . -26.68 17.77 25.21
O6A COA E . -25.24 15.96 24.41
CBP COA E . -25.27 14.08 26.00
CCP COA E . -26.03 14.81 24.88
CDP COA E . -25.87 12.68 26.11
CEP COA E . -23.77 13.95 25.61
CAP COA E . -25.44 14.92 27.31
OAP COA E . -26.78 14.81 27.77
C9P COA E . -24.49 14.54 28.46
O9P COA E . -23.38 15.06 28.57
N8P COA E . -24.98 13.62 29.32
C7P COA E . -24.17 13.16 30.45
C6P COA E . -23.02 12.28 29.94
C5P COA E . -23.59 10.96 29.44
O5P COA E . -24.46 10.39 30.12
N4P COA E . -23.09 10.49 28.28
C3P COA E . -23.53 9.25 27.60
C2P COA E . -22.98 7.94 28.17
S1P COA E . -21.17 8.01 28.37
C1 GOL F . -23.35 7.05 33.30
O1 GOL F . -23.07 8.41 33.45
C2 GOL F . -24.71 7.07 32.66
O2 GOL F . -25.01 8.46 32.63
C3 GOL F . -24.59 6.46 31.26
O3 GOL F . -24.26 5.09 31.32
N1A COA G . 10.44 -12.99 -11.88
C2A COA G . 9.90 -14.04 -12.52
N3A COA G . 9.21 -13.86 -13.63
C4A COA G . 9.04 -12.60 -14.14
C5A COA G . 9.57 -11.50 -13.48
C6A COA G . 10.30 -11.73 -12.31
N6A COA G . 10.87 -10.74 -11.61
N7A COA G . 9.25 -10.40 -14.20
C8A COA G . 8.53 -10.80 -15.24
N9A COA G . 8.40 -12.14 -15.20
C1B COA G . 7.67 -12.99 -16.18
C2B COA G . 6.18 -12.60 -16.24
O2B COA G . 5.35 -13.21 -15.21
C3B COA G . 5.84 -13.06 -17.66
O3B COA G . 5.81 -14.45 -17.66
P3B COA G . 4.45 -15.24 -17.80
O7A COA G . 3.50 -14.47 -18.84
O8A COA G . 3.72 -15.04 -16.32
O9A COA G . 4.82 -16.64 -18.13
C4B COA G . 7.12 -12.70 -18.46
O4B COA G . 8.18 -12.66 -17.49
C5B COA G . 6.99 -11.36 -19.21
O5B COA G . 6.64 -10.37 -18.29
P1A COA G . 6.53 -8.84 -18.63
O1A COA G . 6.26 -8.63 -20.07
O2A COA G . 5.58 -8.29 -17.63
O3A COA G . 8.05 -8.41 -18.35
P2A COA G . 8.58 -7.03 -17.91
O4A COA G . 7.88 -5.94 -18.66
O5A COA G . 8.66 -6.96 -16.41
O6A COA G . 10.10 -7.08 -18.41
CBP COA G . 12.46 -7.82 -18.33
CCP COA G . 10.98 -8.26 -18.29
CDP COA G . 13.34 -9.09 -18.32
CEP COA G . 12.73 -7.01 -19.62
CAP COA G . 12.75 -6.91 -17.13
OAP COA G . 12.56 -7.52 -15.88
C9P COA G . 14.07 -6.12 -17.14
O9P COA G . 14.09 -4.98 -17.58
N8P COA G . 15.15 -6.70 -16.58
C7P COA G . 16.45 -5.99 -16.52
C6P COA G . 17.13 -6.00 -17.91
C5P COA G . 17.36 -7.44 -18.34
O5P COA G . 17.79 -8.26 -17.51
N4P COA G . 17.07 -7.74 -19.62
C3P COA G . 17.26 -9.11 -20.14
C2P COA G . 18.70 -9.41 -20.60
S1P COA G . 19.32 -8.09 -21.72
C1 GOL H . 21.28 -10.76 -18.32
O1 GOL H . 21.96 -11.34 -19.41
C2 GOL H . 22.17 -9.61 -17.98
O2 GOL H . 23.36 -10.26 -17.70
C3 GOL H . 21.66 -8.94 -16.72
O3 GOL H . 21.73 -7.54 -16.91
S SO4 I . 34.17 -19.17 -10.09
O1 SO4 I . 35.19 -20.01 -10.72
O2 SO4 I . 34.21 -19.27 -8.62
O3 SO4 I . 34.42 -17.78 -10.47
O4 SO4 I . 32.83 -19.61 -10.50
N1A COA J . -10.03 -8.80 -25.12
C2A COA J . -8.75 -8.72 -24.76
N3A COA J . -8.33 -7.78 -23.92
C4A COA J . -9.21 -6.90 -23.40
C5A COA J . -10.57 -6.95 -23.76
C6A COA J . -10.98 -7.95 -24.65
N6A COA J . -12.25 -8.06 -25.04
N7A COA J . -11.20 -5.97 -23.12
C8A COA J . -10.29 -5.33 -22.38
N9A COA J . -9.09 -5.89 -22.56
C1B COA J . -7.84 -5.51 -21.89
C2B COA J . -6.71 -4.79 -22.58
O2B COA J . -5.48 -5.12 -21.94
C3B COA J . -7.07 -3.41 -22.13
O3B COA J . -5.95 -2.56 -22.38
P3B COA J . -5.94 -1.62 -23.72
O7A COA J . -7.44 -0.91 -23.80
O8A COA J . -5.80 -2.63 -25.01
O9A COA J . -4.83 -0.63 -23.53
C4B COA J . -7.30 -3.64 -20.62
O4B COA J . -8.11 -4.82 -20.61
C5B COA J . -8.19 -2.53 -20.07
O5B COA J . -9.32 -2.32 -20.95
P1A COA J . -10.55 -1.39 -20.56
O1A COA J . -10.30 -0.55 -19.38
O2A COA J . -11.02 -0.74 -21.81
O3A COA J . -11.50 -2.61 -20.13
P2A COA J . -13.08 -2.52 -19.92
O4A COA J . -13.40 -1.15 -19.47
O5A COA J . -13.83 -3.10 -21.08
O6A COA J . -13.19 -3.57 -18.69
CBP COA J . -13.80 -5.81 -17.95
CCP COA J . -12.80 -4.93 -18.71
CDP COA J . -13.14 -7.20 -17.74
CEP COA J . -14.15 -5.18 -16.59
CAP COA J . -15.10 -5.92 -18.82
OAP COA J . -14.81 -6.63 -20.03
C9P COA J . -16.29 -6.58 -18.10
O9P COA J . -17.08 -5.90 -17.46
N8P COA J . -16.40 -7.91 -18.20
C7P COA J . -17.49 -8.66 -17.55
C6P COA J . -17.31 -8.70 -16.03
C5P COA J . -16.00 -9.42 -15.68
O5P COA J . -15.66 -10.42 -16.32
N4P COA J . -15.29 -8.90 -14.67
C3P COA J . -14.01 -9.50 -14.25
C2P COA J . -14.20 -10.66 -13.29
S1P COA J . -15.18 -10.22 -11.79
C1 GOL K . -17.85 -14.45 -14.40
O1 GOL K . -18.89 -13.76 -15.02
C2 GOL K . -16.75 -13.57 -14.85
O2 GOL K . -17.21 -13.27 -16.14
C3 GOL K . -15.42 -14.35 -14.74
O3 GOL K . -15.27 -15.05 -13.52
N1A COA L . 27.24 11.36 20.24
C2A COA L . 26.20 11.61 21.04
N3A COA L . 25.03 11.98 20.54
C4A COA L . 24.84 12.08 19.19
C5A COA L . 25.89 11.82 18.31
C6A COA L . 27.13 11.44 18.90
N6A COA L . 28.18 11.18 18.14
N7A COA L . 25.44 11.99 17.05
C8A COA L . 24.16 12.35 17.14
N9A COA L . 23.80 12.40 18.45
C1B COA L . 22.45 12.72 18.98
C2B COA L . 22.19 14.11 19.53
O2B COA L . 21.20 14.04 20.58
C3B COA L . 21.57 14.75 18.33
O3B COA L . 20.79 15.89 18.67
P3B COA L . 21.21 17.00 19.78
O7A COA L . 20.84 18.41 19.04
O8A COA L . 22.87 16.98 19.91
O9A COA L . 20.41 16.70 21.03
C4B COA L . 20.62 13.66 17.89
O4B COA L . 21.45 12.48 17.96
C5B COA L . 20.29 13.92 16.45
O5B COA L . 21.47 14.19 15.75
P1A COA L . 21.49 14.16 14.18
O1A COA L . 20.12 14.23 13.62
O2A COA L . 22.54 15.12 13.74
O3A COA L . 22.05 12.64 14.00
P2A COA L . 22.81 12.13 12.71
O4A COA L . 22.23 12.77 11.49
O5A COA L . 24.29 12.19 12.93
O6A COA L . 22.48 10.53 12.73
CBP COA L . 22.77 8.26 13.57
CCP COA L . 22.51 9.72 13.92
CDP COA L . 22.69 7.46 14.87
CEP COA L . 21.67 7.76 12.60
CAP COA L . 24.16 8.16 12.89
OAP COA L . 25.25 8.38 13.81
C9P COA L . 24.46 6.86 12.07
O9P COA L . 24.13 6.80 10.88
N8P COA L . 25.08 5.87 12.75
C7P COA L . 25.43 4.57 12.14
C6P COA L . 24.21 3.67 11.94
C5P COA L . 23.50 3.47 13.28
O5P COA L . 24.16 3.26 14.30
N4P COA L . 22.15 3.54 13.25
C3P COA L . 21.34 3.39 14.45
C2P COA L . 21.13 1.91 14.78
S1P COA L . 20.33 1.03 13.40
C1 GOL M . 23.44 -0.91 16.25
O1 GOL M . 22.77 -2.07 16.68
C2 GOL M . 24.74 -1.37 15.63
O2 GOL M . 25.63 -0.28 15.56
C3 GOL M . 24.56 -1.67 14.17
O3 GOL M . 25.60 -0.88 13.63
#